data_5AIR
#
_entry.id   5AIR
#
_cell.length_a   82.902
_cell.length_b   85.883
_cell.length_c   177.471
_cell.angle_alpha   90.00
_cell.angle_beta   90.00
_cell.angle_gamma   90.00
#
_symmetry.space_group_name_H-M   'P 21 21 21'
#
loop_
_entity.id
_entity.type
_entity.pdbx_description
1 polymer 'Low-density lipoprotein receptor-related protein 6,Glycogen synthase kinase-3 beta'
2 non-polymer 'MALONATE ION'
3 water water
#
_entity_poly.entity_id   1
_entity_poly.type   'polypeptide(L)'
_entity_poly.pdbx_seq_one_letter_code
;MEPVPPPPTPRSSRPRTTSFAESCKPVQQPSAFGSMKVSIDKDGSKVTTVVATPGQGPDRPQEVSYTDTKVIGNGSFGVV
YQAKLCDSGELVAIKKVLQDKRFKNRELQIMRKLDHCNIVRLRYFFYSSGEKKDEVYLNLVLDYVPETVYRVARHYSRAK
QTLPVIYVKLYMYQLFRSLAYIHSFGICHRDIKPQNLLLDPDTAVLKLCDFGSAKQLVRGEPNVSYICSRYYRAPELIFG
ATDYTSSIDVWSAGCVLAELLLGQPIFPGDSGVDQLVEIIKVLGTPTREQIREMNPNYTEFKFPQIKAHPWTKVFRPRTP
PEAIALCSRLLEYTPTARLTPLEACAHSFFDELRDPNVKLPNGRDTPALFNFTTQELSSNPPLATILIPPHARIQAAASP
PANATAASDTNAGDRGQTNNAASASASNST
;
_entity_poly.pdbx_strand_id   A,B
#
loop_
_chem_comp.id
_chem_comp.type
_chem_comp.name
_chem_comp.formula
MLI non-polymer 'MALONATE ION' 'C3 H2 O4 -2'
#
# COMPACT_ATOMS: atom_id res chain seq x y z
N MET A 36 -1.41 38.78 5.19
CA MET A 36 -0.66 38.72 3.88
C MET A 36 -0.76 40.03 3.10
N LYS A 37 0.29 40.87 3.17
CA LYS A 37 0.37 42.15 2.42
C LYS A 37 1.33 42.00 1.22
N VAL A 38 0.79 42.06 0.01
CA VAL A 38 1.54 41.82 -1.24
C VAL A 38 2.00 43.14 -1.86
N SER A 39 3.27 43.17 -2.27
CA SER A 39 3.91 44.42 -2.71
C SER A 39 4.92 44.13 -3.84
N ILE A 40 5.47 45.21 -4.43
CA ILE A 40 6.54 45.11 -5.48
C ILE A 40 7.58 46.23 -5.32
N GLY A 44 11.69 44.75 -8.66
CA GLY A 44 10.67 43.70 -8.55
C GLY A 44 11.25 42.34 -8.15
N SER A 45 10.52 41.25 -8.37
CA SER A 45 9.19 41.24 -9.00
C SER A 45 8.09 41.28 -7.95
N LYS A 46 7.86 40.15 -7.26
CA LYS A 46 6.84 40.05 -6.19
C LYS A 46 7.45 39.74 -4.81
N VAL A 47 7.00 40.51 -3.83
CA VAL A 47 7.47 40.46 -2.44
C VAL A 47 6.28 40.37 -1.50
N THR A 48 6.23 39.32 -0.70
CA THR A 48 5.18 39.21 0.29
C THR A 48 5.75 39.52 1.65
N THR A 49 4.90 40.12 2.49
CA THR A 49 5.26 40.56 3.84
C THR A 49 4.20 40.16 4.85
N VAL A 50 4.65 39.48 5.90
CA VAL A 50 3.73 38.91 6.85
C VAL A 50 4.24 39.13 8.24
N VAL A 51 3.33 39.04 9.18
CA VAL A 51 3.67 39.07 10.57
C VAL A 51 3.69 37.64 11.08
N ALA A 52 4.89 37.12 11.28
CA ALA A 52 5.10 35.72 11.51
C ALA A 52 5.78 35.51 12.83
N THR A 53 5.51 34.37 13.44
CA THR A 53 6.02 34.08 14.74
C THR A 53 7.07 33.01 14.66
N PRO A 54 8.23 33.28 15.24
CA PRO A 54 9.32 32.35 15.37
C PRO A 54 8.90 31.02 15.94
N GLY A 55 9.50 29.96 15.43
CA GLY A 55 9.12 28.64 15.85
C GLY A 55 9.57 28.38 17.24
N GLN A 56 10.79 28.88 17.51
CA GLN A 56 11.43 28.75 18.83
C GLN A 56 11.31 30.02 19.70
N GLY A 57 11.43 29.79 21.00
CA GLY A 57 11.47 30.86 21.95
C GLY A 57 10.12 31.42 22.31
N PRO A 58 10.10 32.72 22.57
CA PRO A 58 8.97 33.50 23.03
C PRO A 58 8.04 33.81 21.87
N ASP A 59 6.77 33.98 22.16
CA ASP A 59 5.78 34.20 21.14
C ASP A 59 5.84 35.66 20.66
N ARG A 60 6.93 36.09 20.05
CA ARG A 60 7.03 37.48 19.60
C ARG A 60 7.10 37.67 18.09
N PRO A 61 5.93 37.97 17.43
CA PRO A 61 6.07 38.00 15.96
C PRO A 61 6.82 39.14 15.30
N GLN A 62 7.35 38.90 14.11
CA GLN A 62 8.11 39.92 13.40
C GLN A 62 7.60 40.10 12.01
N GLU A 63 7.86 41.26 11.44
CA GLU A 63 7.58 41.45 10.02
C GLU A 63 8.65 40.62 9.32
N VAL A 64 8.20 39.77 8.41
CA VAL A 64 9.10 38.93 7.61
C VAL A 64 8.68 38.98 6.13
N SER A 65 9.66 39.23 5.27
CA SER A 65 9.38 39.42 3.84
C SER A 65 10.09 38.37 2.97
N TYR A 66 9.41 38.01 1.88
CA TYR A 66 9.90 36.97 1.00
C TYR A 66 9.39 37.08 -0.43
N THR A 67 10.17 36.51 -1.34
CA THR A 67 10.03 36.65 -2.79
C THR A 67 10.19 35.30 -3.49
N ASP A 68 10.08 35.33 -4.82
CA ASP A 68 10.52 34.25 -5.69
C ASP A 68 9.71 32.99 -5.33
N THR A 69 8.40 33.12 -5.42
CA THR A 69 7.51 32.19 -4.74
C THR A 69 6.91 31.13 -5.67
N LYS A 70 7.57 29.98 -5.70
CA LYS A 70 7.18 28.88 -6.60
C LYS A 70 6.41 27.85 -5.80
N VAL A 71 5.44 27.21 -6.43
CA VAL A 71 4.92 25.97 -5.90
C VAL A 71 5.97 24.91 -6.17
N ILE A 72 6.21 24.02 -5.22
CA ILE A 72 7.17 22.94 -5.43
C ILE A 72 6.67 21.60 -4.94
N GLY A 73 5.38 21.48 -4.69
CA GLY A 73 4.78 20.21 -4.34
C GLY A 73 3.32 20.42 -3.99
N ASN A 74 2.49 19.41 -4.26
CA ASN A 74 1.21 19.33 -3.61
C ASN A 74 1.21 18.12 -2.67
N GLY A 75 1.25 18.38 -1.37
CA GLY A 75 1.04 17.34 -0.36
C GLY A 75 -0.45 17.02 -0.24
N SER A 76 -0.76 15.90 0.43
CA SER A 76 -2.15 15.53 0.71
C SER A 76 -2.86 16.75 1.28
N PHE A 77 -2.36 17.17 2.45
CA PHE A 77 -2.93 18.26 3.24
C PHE A 77 -2.67 19.63 2.64
N GLY A 78 -1.85 19.67 1.60
CA GLY A 78 -1.87 20.81 0.70
C GLY A 78 -0.50 21.22 0.26
N VAL A 79 -0.45 22.43 -0.30
CA VAL A 79 0.71 22.84 -1.07
C VAL A 79 1.94 23.16 -0.26
N VAL A 80 3.08 23.01 -0.92
CA VAL A 80 4.37 23.42 -0.39
C VAL A 80 4.98 24.36 -1.40
N TYR A 81 5.53 25.46 -0.91
CA TYR A 81 6.12 26.47 -1.77
C TYR A 81 7.55 26.52 -1.44
N GLN A 82 8.29 27.20 -2.28
CA GLN A 82 9.63 27.61 -1.96
C GLN A 82 9.69 29.11 -2.14
N ALA A 83 10.58 29.76 -1.41
CA ALA A 83 10.72 31.21 -1.50
C ALA A 83 12.04 31.65 -0.94
N LYS A 84 12.33 32.92 -1.15
CA LYS A 84 13.56 33.51 -0.63
C LYS A 84 13.20 34.62 0.33
N LEU A 85 13.87 34.61 1.47
CA LEU A 85 13.72 35.69 2.40
C LEU A 85 14.47 36.91 1.86
N CYS A 86 13.75 38.00 1.68
CA CYS A 86 14.36 39.21 1.21
C CYS A 86 15.44 39.59 2.17
N ASP A 87 15.13 39.38 3.43
CA ASP A 87 15.99 39.77 4.51
C ASP A 87 17.39 39.13 4.50
N SER A 88 17.46 37.82 4.38
CA SER A 88 18.75 37.14 4.54
C SER A 88 19.20 36.51 3.25
N GLY A 89 18.37 36.58 2.23
CA GLY A 89 18.66 35.87 1.02
C GLY A 89 18.57 34.36 1.14
N GLU A 90 18.40 33.82 2.34
CA GLU A 90 18.27 32.36 2.51
C GLU A 90 16.97 31.85 1.93
N LEU A 91 16.99 30.55 1.65
CA LEU A 91 15.90 29.88 0.94
C LEU A 91 15.14 29.04 1.91
N VAL A 92 13.84 29.00 1.69
CA VAL A 92 12.94 28.42 2.66
C VAL A 92 11.81 27.76 1.95
N ALA A 93 11.23 26.81 2.65
CA ALA A 93 10.02 26.16 2.23
C ALA A 93 8.85 26.64 3.09
N ILE A 94 7.70 26.90 2.47
CA ILE A 94 6.48 27.26 3.20
C ILE A 94 5.45 26.22 2.93
N LYS A 95 5.08 25.47 3.95
CA LYS A 95 4.06 24.43 3.84
C LYS A 95 2.78 25.02 4.34
N LYS A 96 1.75 24.91 3.54
CA LYS A 96 0.45 25.53 3.81
C LYS A 96 -0.61 24.46 4.04
N VAL A 97 -1.41 24.63 5.08
CA VAL A 97 -2.49 23.70 5.35
C VAL A 97 -3.73 24.44 5.77
N LEU A 98 -4.87 23.84 5.46
CA LEU A 98 -6.15 24.35 5.89
C LEU A 98 -6.17 24.29 7.40
N GLN A 99 -6.69 25.31 8.05
CA GLN A 99 -6.74 25.29 9.49
C GLN A 99 -8.17 25.32 9.97
N ASP A 100 -8.48 24.29 10.74
CA ASP A 100 -9.66 24.23 11.54
C ASP A 100 -9.36 24.98 12.84
N LYS A 101 -10.18 25.97 13.22
CA LYS A 101 -9.96 26.71 14.48
C LYS A 101 -10.59 25.97 15.66
N ARG A 102 -11.45 25.00 15.36
CA ARG A 102 -11.95 23.99 16.31
C ARG A 102 -10.86 23.35 17.21
N PHE A 103 -9.73 22.98 16.63
CA PHE A 103 -8.61 22.46 17.44
C PHE A 103 -7.28 23.13 17.06
N LYS A 104 -6.29 22.97 17.94
CA LYS A 104 -4.95 23.45 17.67
C LYS A 104 -4.29 22.43 16.78
N ASN A 105 -3.41 22.91 15.92
CA ASN A 105 -2.74 22.04 14.98
C ASN A 105 -1.60 21.23 15.62
N ARG A 106 -1.69 19.91 15.55
CA ARG A 106 -0.73 19.05 16.25
C ARG A 106 0.66 19.13 15.63
N GLU A 107 0.72 19.20 14.31
CA GLU A 107 2.00 19.20 13.61
C GLU A 107 2.73 20.40 14.14
N LEU A 108 2.05 21.55 14.23
CA LEU A 108 2.67 22.77 14.77
C LEU A 108 3.10 22.61 16.25
N GLN A 109 2.21 22.12 17.08
CA GLN A 109 2.58 21.87 18.46
C GLN A 109 3.83 21.09 18.60
N ILE A 110 3.97 20.05 17.80
CA ILE A 110 5.18 19.25 17.84
C ILE A 110 6.39 19.98 17.29
N MET A 111 6.25 20.65 16.17
CA MET A 111 7.39 21.33 15.58
C MET A 111 7.99 22.38 16.51
N ARG A 112 7.15 23.03 17.31
CA ARG A 112 7.65 24.10 18.17
C ARG A 112 8.38 23.54 19.35
N LYS A 113 8.18 22.30 19.72
CA LYS A 113 8.99 21.68 20.74
C LYS A 113 10.40 21.42 20.29
N LEU A 114 10.66 21.21 18.98
CA LEU A 114 11.89 20.50 18.56
C LEU A 114 13.02 21.39 18.11
N ASP A 115 14.23 21.01 18.45
CA ASP A 115 15.37 21.80 18.08
C ASP A 115 16.51 20.84 18.02
N HIS A 116 16.91 20.46 16.82
CA HIS A 116 17.91 19.41 16.65
C HIS A 116 18.42 19.53 15.26
N CYS A 117 19.73 19.29 15.12
CA CYS A 117 20.42 19.44 13.85
C CYS A 117 20.04 18.38 12.79
N ASN A 118 19.28 17.37 13.13
CA ASN A 118 18.87 16.34 12.17
C ASN A 118 17.36 16.36 11.95
N ILE A 119 16.78 17.53 12.21
CA ILE A 119 15.36 17.77 12.09
C ILE A 119 15.20 19.10 11.42
N VAL A 120 14.43 19.10 10.38
CA VAL A 120 14.13 20.34 9.67
C VAL A 120 13.59 21.34 10.68
N ARG A 121 14.09 22.56 10.64
CA ARG A 121 13.75 23.57 11.63
C ARG A 121 12.58 24.37 11.17
N LEU A 122 11.71 24.67 12.11
CA LEU A 122 10.60 25.58 11.85
C LEU A 122 11.02 27.02 12.13
N ARG A 123 11.20 27.83 11.11
CA ARG A 123 11.70 29.17 11.33
C ARG A 123 10.61 30.11 11.85
N TYR A 124 9.49 30.08 11.16
CA TYR A 124 8.35 30.88 11.49
C TYR A 124 7.09 30.17 11.12
N PHE A 125 5.99 30.64 11.67
CA PHE A 125 4.69 30.30 11.13
C PHE A 125 3.84 31.49 11.05
N PHE A 126 2.76 31.38 10.30
CA PHE A 126 1.80 32.44 10.19
C PHE A 126 0.49 32.00 9.61
N TYR A 127 -0.54 32.80 9.84
CA TYR A 127 -1.87 32.52 9.31
C TYR A 127 -2.19 33.37 8.11
N SER A 128 -3.04 32.85 7.23
CA SER A 128 -3.49 33.55 6.03
C SER A 128 -4.81 32.98 5.50
N SER A 129 -5.44 33.67 4.56
CA SER A 129 -6.63 33.12 3.89
C SER A 129 -6.43 33.31 2.39
N GLY A 130 -5.49 32.51 1.87
CA GLY A 130 -5.24 32.43 0.43
C GLY A 130 -6.43 31.99 -0.40
N GLU A 131 -7.26 31.07 0.11
CA GLU A 131 -8.53 30.71 -0.56
C GLU A 131 -9.77 31.47 -0.08
N LYS A 132 -10.49 31.98 -1.08
CA LYS A 132 -11.53 33.00 -0.94
C LYS A 132 -12.73 32.43 -0.22
N LYS A 133 -12.77 32.72 1.07
CA LYS A 133 -13.76 32.18 1.96
C LYS A 133 -13.36 32.74 3.32
N ASP A 134 -14.24 32.70 4.32
CA ASP A 134 -13.77 32.79 5.72
C ASP A 134 -12.95 31.53 6.10
N GLU A 135 -11.77 31.35 5.50
CA GLU A 135 -10.99 30.13 5.74
C GLU A 135 -9.51 30.35 5.85
N VAL A 136 -8.97 29.64 6.83
CA VAL A 136 -7.70 29.92 7.45
C VAL A 136 -6.66 28.88 7.11
N TYR A 137 -5.54 29.36 6.61
CA TYR A 137 -4.39 28.54 6.37
C TYR A 137 -3.29 28.82 7.36
N LEU A 138 -2.66 27.73 7.78
CA LEU A 138 -1.49 27.77 8.62
C LEU A 138 -0.30 27.58 7.70
N ASN A 139 0.68 28.46 7.81
CA ASN A 139 1.84 28.37 6.99
C ASN A 139 3.06 28.11 7.82
N LEU A 140 3.73 26.99 7.56
CA LEU A 140 4.96 26.65 8.25
C LEU A 140 6.15 27.02 7.37
N VAL A 141 6.99 27.93 7.86
CA VAL A 141 8.16 28.31 7.13
C VAL A 141 9.31 27.53 7.65
N LEU A 142 9.89 26.74 6.74
CA LEU A 142 10.86 25.72 7.09
C LEU A 142 12.15 25.95 6.35
N ASP A 143 13.23 25.42 6.92
CA ASP A 143 14.49 25.24 6.20
C ASP A 143 14.11 24.63 4.85
N TYR A 144 14.70 25.15 3.78
CA TYR A 144 14.62 24.47 2.50
C TYR A 144 15.82 23.52 2.35
N VAL A 145 15.54 22.25 2.04
CA VAL A 145 16.61 21.28 1.85
C VAL A 145 16.43 20.62 0.51
N PRO A 146 17.48 20.69 -0.31
CA PRO A 146 17.32 20.33 -1.72
C PRO A 146 16.88 18.85 -1.96
N GLU A 147 17.67 17.91 -1.50
CA GLU A 147 17.47 16.56 -1.88
C GLU A 147 16.73 15.71 -0.85
N THR A 148 16.51 14.45 -1.19
CA THR A 148 16.00 13.47 -0.26
C THR A 148 16.66 12.13 -0.49
N VAL A 149 16.50 11.26 0.48
CA VAL A 149 17.17 10.00 0.41
C VAL A 149 16.50 9.19 -0.63
N TYR A 150 15.23 9.47 -0.89
CA TYR A 150 14.48 8.75 -1.91
C TYR A 150 14.97 9.11 -3.31
N ARG A 151 15.05 10.40 -3.62
CA ARG A 151 15.66 10.81 -4.88
C ARG A 151 17.07 10.20 -5.06
N VAL A 152 17.86 10.17 -4.01
CA VAL A 152 19.25 9.83 -4.16
C VAL A 152 19.38 8.36 -4.30
N ALA A 153 18.60 7.61 -3.53
CA ALA A 153 18.61 6.17 -3.69
C ALA A 153 18.26 5.76 -5.13
N ARG A 154 17.30 6.45 -5.75
CA ARG A 154 16.80 6.11 -7.08
C ARG A 154 17.84 6.35 -8.12
N HIS A 155 18.44 7.53 -8.10
CA HIS A 155 19.52 7.80 -9.01
C HIS A 155 20.55 6.66 -8.97
N TYR A 156 20.97 6.22 -7.80
CA TYR A 156 21.96 5.14 -7.79
C TYR A 156 21.41 3.87 -8.41
N SER A 157 20.15 3.58 -8.15
CA SER A 157 19.55 2.33 -8.61
C SER A 157 19.34 2.30 -10.13
N ARG A 158 18.96 3.43 -10.70
CA ARG A 158 18.90 3.59 -12.15
C ARG A 158 20.26 3.44 -12.81
N ALA A 159 21.32 4.00 -12.23
CA ALA A 159 22.67 3.74 -12.74
C ALA A 159 23.19 2.32 -12.41
N LYS A 160 22.36 1.47 -11.79
CA LYS A 160 22.79 0.12 -11.38
C LYS A 160 24.02 0.13 -10.45
N GLN A 161 24.07 1.13 -9.58
CA GLN A 161 25.07 1.17 -8.52
C GLN A 161 24.43 1.20 -7.16
N THR A 162 25.26 1.01 -6.14
CA THR A 162 24.82 1.21 -4.77
C THR A 162 25.42 2.43 -4.18
N LEU A 163 24.66 2.99 -3.27
CA LEU A 163 25.12 4.10 -2.52
C LEU A 163 26.29 3.55 -1.75
N PRO A 164 27.43 4.25 -1.84
CA PRO A 164 28.58 3.92 -1.04
C PRO A 164 28.30 3.95 0.45
N VAL A 165 28.91 2.99 1.11
CA VAL A 165 28.57 2.61 2.45
C VAL A 165 28.83 3.77 3.39
N ILE A 166 29.76 4.62 3.03
CA ILE A 166 30.01 5.73 3.92
C ILE A 166 28.74 6.60 4.03
N TYR A 167 28.07 6.89 2.91
CA TYR A 167 26.87 7.73 2.98
C TYR A 167 25.77 7.04 3.70
N VAL A 168 25.71 5.73 3.58
CA VAL A 168 24.71 4.96 4.27
C VAL A 168 24.89 5.13 5.77
N LYS A 169 26.14 5.00 6.21
CA LYS A 169 26.47 5.26 7.61
C LYS A 169 26.08 6.69 8.05
N LEU A 170 26.53 7.68 7.29
CA LEU A 170 26.25 9.06 7.64
C LEU A 170 24.75 9.31 7.82
N TYR A 171 23.98 8.78 6.88
CA TYR A 171 22.57 9.11 6.80
C TYR A 171 21.82 8.35 7.85
N MET A 172 22.14 7.06 7.99
CA MET A 172 21.37 6.28 8.91
C MET A 172 21.57 6.73 10.36
N TYR A 173 22.82 6.94 10.70
CA TYR A 173 23.19 7.49 12.00
C TYR A 173 22.47 8.75 12.30
N GLN A 174 22.37 9.65 11.33
CA GLN A 174 21.74 10.94 11.59
C GLN A 174 20.25 10.77 11.76
N LEU A 175 19.69 9.83 11.05
CA LEU A 175 18.29 9.55 11.25
C LEU A 175 18.14 8.98 12.67
N PHE A 176 19.05 8.09 13.10
CA PHE A 176 18.86 7.47 14.38
C PHE A 176 19.01 8.47 15.50
N ARG A 177 19.89 9.44 15.35
CA ARG A 177 19.89 10.53 16.29
C ARG A 177 18.57 11.21 16.32
N SER A 178 18.06 11.59 15.15
CA SER A 178 16.82 12.38 15.14
C SER A 178 15.72 11.61 15.85
N LEU A 179 15.69 10.30 15.68
CA LEU A 179 14.71 9.48 16.39
C LEU A 179 14.93 9.49 17.89
N ALA A 180 16.18 9.32 18.31
CA ALA A 180 16.53 9.27 19.74
C ALA A 180 16.03 10.55 20.42
N TYR A 181 16.20 11.66 19.73
CA TYR A 181 15.71 12.93 20.20
C TYR A 181 14.19 12.96 20.35
N ILE A 182 13.45 12.73 19.28
CA ILE A 182 11.99 12.84 19.37
C ILE A 182 11.43 11.82 20.33
N HIS A 183 11.98 10.62 20.32
CA HIS A 183 11.46 9.59 21.21
C HIS A 183 11.64 9.96 22.67
N SER A 184 12.68 10.72 23.00
CA SER A 184 12.93 11.14 24.38
C SER A 184 11.85 12.09 24.92
N PHE A 185 11.13 12.77 24.05
CA PHE A 185 9.94 13.43 24.48
C PHE A 185 8.74 12.50 24.35
N GLY A 186 8.95 11.22 24.05
CA GLY A 186 7.83 10.26 23.87
C GLY A 186 6.99 10.43 22.58
N ILE A 187 7.58 11.15 21.60
CA ILE A 187 7.00 11.42 20.30
C ILE A 187 7.44 10.46 19.21
N CYS A 188 6.47 9.82 18.54
CA CYS A 188 6.72 8.93 17.40
C CYS A 188 6.44 9.65 16.10
N HIS A 189 7.26 9.46 15.08
CA HIS A 189 7.06 10.17 13.78
C HIS A 189 5.93 9.54 12.97
N ARG A 190 5.93 8.21 12.95
CA ARG A 190 4.90 7.37 12.34
C ARG A 190 4.87 7.34 10.79
N ASP A 191 5.86 7.96 10.17
CA ASP A 191 5.94 8.01 8.72
C ASP A 191 7.40 8.19 8.23
N ILE A 192 8.27 7.35 8.78
CA ILE A 192 9.67 7.33 8.41
C ILE A 192 9.78 6.60 7.08
N LYS A 193 10.27 7.33 6.10
CA LYS A 193 10.48 6.78 4.81
C LYS A 193 11.40 7.70 4.06
N PRO A 194 12.04 7.19 3.02
CA PRO A 194 13.08 7.93 2.28
C PRO A 194 12.65 9.30 1.77
N GLN A 195 11.39 9.43 1.41
CA GLN A 195 10.90 10.77 1.01
C GLN A 195 11.04 11.77 2.12
N ASN A 196 10.79 11.32 3.34
CA ASN A 196 10.89 12.18 4.49
C ASN A 196 12.29 12.42 5.08
N LEU A 197 13.34 12.00 4.42
CA LEU A 197 14.69 12.30 4.88
C LEU A 197 15.35 13.23 3.89
N LEU A 198 15.59 14.46 4.27
CA LEU A 198 16.16 15.46 3.37
C LEU A 198 17.65 15.52 3.53
N LEU A 199 18.37 15.76 2.45
CA LEU A 199 19.80 15.75 2.44
C LEU A 199 20.35 17.05 1.88
N ASP A 200 21.44 17.53 2.43
CA ASP A 200 22.23 18.49 1.71
C ASP A 200 23.38 17.65 1.15
N PRO A 201 23.55 17.61 -0.17
CA PRO A 201 24.62 16.84 -0.81
C PRO A 201 26.02 17.29 -0.44
N ASP A 202 26.25 18.61 -0.43
CA ASP A 202 27.59 19.10 -0.09
C ASP A 202 28.02 18.84 1.35
N THR A 203 27.15 19.00 2.34
CA THR A 203 27.55 18.78 3.75
C THR A 203 27.26 17.38 4.27
N ALA A 204 26.44 16.65 3.55
CA ALA A 204 25.92 15.33 3.97
C ALA A 204 25.06 15.33 5.22
N VAL A 205 24.51 16.48 5.57
CA VAL A 205 23.55 16.62 6.65
C VAL A 205 22.23 15.99 6.22
N LEU A 206 21.60 15.26 7.11
CA LEU A 206 20.33 14.69 6.81
C LEU A 206 19.38 15.34 7.80
N LYS A 207 18.14 15.55 7.40
CA LYS A 207 17.13 16.07 8.31
C LYS A 207 15.81 15.34 8.16
N LEU A 208 15.29 14.80 9.27
CA LEU A 208 13.91 14.24 9.32
C LEU A 208 12.87 15.32 9.09
N CYS A 209 11.77 15.07 8.38
CA CYS A 209 10.99 16.24 7.95
C CYS A 209 9.47 16.25 7.92
N ASP A 210 8.81 15.13 7.89
CA ASP A 210 7.38 15.33 7.61
C ASP A 210 6.56 14.93 8.82
N PHE A 211 6.21 15.96 9.60
CA PHE A 211 5.70 15.72 10.95
C PHE A 211 4.20 15.65 11.11
N GLY A 212 3.51 15.56 9.98
CA GLY A 212 2.05 15.48 9.98
C GLY A 212 1.39 14.23 10.56
N SER A 213 2.11 13.16 10.81
CA SER A 213 1.49 11.97 11.36
C SER A 213 2.03 11.65 12.74
N ALA A 214 2.82 12.60 13.29
CA ALA A 214 3.51 12.39 14.54
C ALA A 214 2.61 12.63 15.73
N LYS A 215 2.88 11.89 16.78
CA LYS A 215 2.04 11.88 17.96
C LYS A 215 2.88 11.58 19.15
N GLN A 216 2.63 12.33 20.19
CA GLN A 216 3.22 11.99 21.42
C GLN A 216 2.39 10.84 21.96
N LEU A 217 3.01 9.68 22.07
CA LEU A 217 2.31 8.51 22.54
C LEU A 217 2.22 8.56 24.05
N VAL A 218 1.16 7.94 24.57
CA VAL A 218 0.89 7.84 25.98
C VAL A 218 0.45 6.41 26.25
N ARG A 219 0.73 5.89 27.44
CA ARG A 219 0.33 4.54 27.80
C ARG A 219 -1.15 4.40 28.02
N GLY A 220 -1.68 3.30 27.53
CA GLY A 220 -3.08 3.01 27.63
C GLY A 220 -3.98 3.86 26.76
N GLU A 221 -3.44 4.88 26.08
CA GLU A 221 -4.26 5.66 25.14
C GLU A 221 -4.05 5.03 23.78
N PRO A 222 -5.14 4.68 23.09
CA PRO A 222 -4.94 3.96 21.84
C PRO A 222 -4.54 4.88 20.71
N ASN A 223 -3.93 4.32 19.68
CA ASN A 223 -3.58 5.09 18.52
C ASN A 223 -4.12 4.44 17.26
N VAL A 224 -4.40 5.23 16.23
CA VAL A 224 -4.87 4.68 14.96
C VAL A 224 -3.79 3.83 14.37
N SER A 225 -4.20 2.85 13.59
CA SER A 225 -3.21 1.91 13.12
C SER A 225 -2.92 2.20 11.66
N TYR A 226 -3.58 3.18 11.08
CA TYR A 226 -3.36 3.39 9.64
C TYR A 226 -2.24 4.40 9.29
N ILE A 227 -1.17 4.44 10.08
CA ILE A 227 -0.30 5.58 9.91
C ILE A 227 0.90 5.45 8.99
N CYS A 228 1.48 4.31 8.86
CA CYS A 228 2.83 4.39 8.28
C CYS A 228 2.80 4.04 6.76
N SER A 229 3.77 4.45 5.97
CA SER A 229 3.73 4.21 4.52
C SER A 229 4.15 2.81 4.13
N ARG A 230 3.80 2.35 2.93
CA ARG A 230 3.61 0.90 2.70
C ARG A 230 4.83 -0.05 2.91
N TYR A 231 5.95 0.24 2.27
CA TYR A 231 7.09 -0.67 2.46
C TYR A 231 7.69 -0.67 3.90
N TYR A 232 7.29 0.34 4.69
CA TYR A 232 7.95 0.71 5.92
C TYR A 232 7.15 0.40 7.21
N ARG A 233 6.07 -0.33 7.03
CA ARG A 233 5.11 -0.52 8.09
C ARG A 233 5.55 -1.70 8.89
N ALA A 234 5.45 -1.59 10.19
CA ALA A 234 5.89 -2.66 11.07
C ALA A 234 4.79 -3.69 11.15
N PRO A 235 5.15 -4.94 11.39
CA PRO A 235 4.21 -6.05 11.50
C PRO A 235 2.99 -5.67 12.32
N GLU A 236 3.17 -5.25 13.55
CA GLU A 236 2.03 -4.87 14.35
C GLU A 236 1.14 -3.87 13.66
N LEU A 237 1.71 -2.92 12.93
CA LEU A 237 0.86 -2.01 12.21
C LEU A 237 0.07 -2.76 11.13
N ILE A 238 0.71 -3.68 10.43
CA ILE A 238 0.05 -4.36 9.33
C ILE A 238 -1.21 -5.09 9.84
N PHE A 239 -1.24 -5.41 11.13
CA PHE A 239 -2.38 -6.01 11.80
C PHE A 239 -3.21 -5.06 12.61
N GLY A 240 -3.20 -3.78 12.29
CA GLY A 240 -4.04 -2.84 13.04
C GLY A 240 -3.93 -2.88 14.55
N ALA A 241 -2.75 -3.22 15.08
CA ALA A 241 -2.46 -2.98 16.49
C ALA A 241 -2.70 -1.53 16.77
N THR A 242 -3.29 -1.23 17.93
CA THR A 242 -3.44 0.17 18.37
C THR A 242 -2.69 0.51 19.64
N ASP A 243 -2.07 -0.54 20.23
CA ASP A 243 -1.20 -0.40 21.42
C ASP A 243 0.29 -0.53 21.07
N TYR A 244 0.70 0.12 19.99
CA TYR A 244 2.08 0.00 19.54
C TYR A 244 2.94 1.07 20.23
N THR A 245 4.27 0.95 20.10
CA THR A 245 5.25 1.87 20.76
C THR A 245 6.04 2.71 19.76
N SER A 246 7.03 3.44 20.24
CA SER A 246 7.90 4.22 19.35
C SER A 246 8.72 3.34 18.48
N SER A 247 8.75 2.06 18.80
CA SER A 247 9.58 1.19 18.00
C SER A 247 9.08 1.03 16.58
N ILE A 248 7.89 1.54 16.26
CA ILE A 248 7.46 1.43 14.90
C ILE A 248 8.42 2.23 14.01
N ASP A 249 8.89 3.36 14.52
CA ASP A 249 9.80 4.15 13.77
C ASP A 249 11.07 3.39 13.53
N VAL A 250 11.51 2.62 14.52
CA VAL A 250 12.80 1.93 14.39
C VAL A 250 12.79 0.89 13.27
N TRP A 251 11.74 0.08 13.23
CA TRP A 251 11.51 -0.83 12.14
C TRP A 251 11.55 -0.09 10.83
N SER A 252 10.86 1.04 10.79
CA SER A 252 10.85 1.84 9.56
C SER A 252 12.26 2.27 9.14
N ALA A 253 13.05 2.71 10.12
CA ALA A 253 14.43 2.96 9.85
C ALA A 253 15.16 1.70 9.35
N GLY A 254 15.00 0.59 10.03
CA GLY A 254 15.57 -0.65 9.55
C GLY A 254 15.24 -0.98 8.10
N CYS A 255 13.99 -0.72 7.69
CA CYS A 255 13.59 -0.84 6.30
C CYS A 255 14.37 0.12 5.38
N VAL A 256 14.57 1.36 5.81
CA VAL A 256 15.37 2.29 5.03
C VAL A 256 16.79 1.77 4.88
N LEU A 257 17.39 1.30 5.97
CA LEU A 257 18.74 0.81 5.91
C LEU A 257 18.88 -0.31 4.89
N ALA A 258 18.13 -1.38 5.12
CA ALA A 258 18.10 -2.52 4.22
C ALA A 258 17.93 -2.07 2.77
N GLU A 259 17.03 -1.15 2.52
CA GLU A 259 16.79 -0.76 1.16
C GLU A 259 18.01 -0.07 0.58
N LEU A 260 18.78 0.64 1.41
CA LEU A 260 19.96 1.33 0.88
C LEU A 260 21.02 0.32 0.56
N LEU A 261 21.10 -0.71 1.39
CA LEU A 261 22.01 -1.81 1.14
C LEU A 261 21.63 -2.56 -0.12
N LEU A 262 20.36 -2.87 -0.29
CA LEU A 262 19.91 -3.69 -1.42
C LEU A 262 19.69 -2.97 -2.72
N GLY A 263 19.45 -1.67 -2.71
CA GLY A 263 19.03 -0.95 -3.94
C GLY A 263 17.54 -1.02 -4.30
N GLN A 264 16.73 -1.60 -3.42
CA GLN A 264 15.28 -1.71 -3.60
C GLN A 264 14.61 -2.02 -2.26
N PRO A 265 13.30 -1.81 -2.15
CA PRO A 265 12.68 -2.11 -0.87
C PRO A 265 12.86 -3.57 -0.47
N ILE A 266 12.98 -3.80 0.82
CA ILE A 266 13.21 -5.14 1.29
C ILE A 266 11.89 -5.88 1.50
N PHE A 267 10.81 -5.18 1.88
CA PHE A 267 9.52 -5.85 2.13
C PHE A 267 8.35 -5.29 1.35
N PRO A 268 8.40 -5.41 0.00
CA PRO A 268 7.36 -4.78 -0.84
C PRO A 268 6.11 -5.62 -0.95
N GLY A 269 5.00 -4.94 -1.22
CA GLY A 269 3.74 -5.57 -1.63
C GLY A 269 2.65 -4.53 -1.77
N ASP A 270 1.71 -4.71 -2.70
CA ASP A 270 0.56 -3.81 -2.78
C ASP A 270 -0.42 -4.06 -1.62
N SER A 271 -0.09 -4.94 -0.69
CA SER A 271 -1.07 -5.56 0.19
C SER A 271 -0.42 -5.97 1.52
N GLY A 272 -1.15 -5.85 2.61
CA GLY A 272 -0.62 -6.34 3.88
C GLY A 272 -0.10 -7.75 3.82
N VAL A 273 -0.87 -8.58 3.13
CA VAL A 273 -0.53 -9.97 2.95
C VAL A 273 0.82 -10.08 2.24
N ASP A 274 0.92 -9.41 1.11
CA ASP A 274 2.16 -9.48 0.37
C ASP A 274 3.34 -8.99 1.25
N GLN A 275 3.10 -7.92 2.00
CA GLN A 275 4.13 -7.38 2.84
C GLN A 275 4.56 -8.40 3.86
N LEU A 276 3.61 -9.05 4.49
CA LEU A 276 3.91 -10.04 5.51
C LEU A 276 4.64 -11.27 4.99
N VAL A 277 4.18 -11.77 3.86
CA VAL A 277 4.86 -12.86 3.21
C VAL A 277 6.38 -12.51 3.05
N GLU A 278 6.68 -11.33 2.52
CA GLU A 278 8.07 -10.96 2.32
C GLU A 278 8.83 -10.92 3.64
N ILE A 279 8.18 -10.37 4.66
CA ILE A 279 8.80 -10.23 5.95
C ILE A 279 9.11 -11.60 6.48
N ILE A 280 8.08 -12.43 6.50
CA ILE A 280 8.21 -13.80 6.96
C ILE A 280 9.34 -14.52 6.23
N LYS A 281 9.41 -14.38 4.92
CA LYS A 281 10.47 -15.04 4.17
C LYS A 281 11.77 -14.70 4.79
N VAL A 282 11.95 -13.43 5.13
CA VAL A 282 13.23 -12.98 5.69
C VAL A 282 13.43 -13.35 7.17
N LEU A 283 12.41 -13.21 7.99
CA LEU A 283 12.57 -13.38 9.45
C LEU A 283 12.07 -14.73 9.95
N GLY A 284 11.69 -15.62 9.06
CA GLY A 284 11.01 -16.83 9.53
C GLY A 284 9.59 -16.58 9.97
N THR A 285 8.95 -17.65 10.40
CA THR A 285 7.58 -17.57 10.79
C THR A 285 7.60 -17.07 12.22
N PRO A 286 6.65 -16.21 12.56
CA PRO A 286 6.65 -15.77 13.94
C PRO A 286 6.22 -16.88 14.83
N THR A 287 6.60 -16.79 16.09
CA THR A 287 6.15 -17.75 17.06
C THR A 287 4.81 -17.25 17.47
N ARG A 288 4.10 -18.10 18.18
CA ARG A 288 2.67 -17.91 18.44
C ARG A 288 2.40 -16.62 19.23
N GLU A 289 3.21 -16.32 20.24
CA GLU A 289 2.99 -15.09 21.06
C GLU A 289 3.42 -13.81 20.31
N GLN A 290 4.49 -13.91 19.52
CA GLN A 290 4.89 -12.85 18.60
C GLN A 290 3.69 -12.38 17.77
N ILE A 291 2.90 -13.36 17.32
CA ILE A 291 1.68 -13.11 16.55
C ILE A 291 0.56 -12.50 17.39
N ARG A 292 0.30 -13.10 18.55
CA ARG A 292 -0.66 -12.54 19.48
C ARG A 292 -0.28 -11.09 19.82
N GLU A 293 1.03 -10.84 19.97
CA GLU A 293 1.54 -9.49 20.28
C GLU A 293 1.12 -8.44 19.24
N MET A 294 1.08 -8.84 17.99
CA MET A 294 0.70 -7.91 16.93
C MET A 294 -0.81 -7.52 17.02
N ASN A 295 -1.70 -8.50 16.91
CA ASN A 295 -3.11 -8.29 17.21
C ASN A 295 -3.59 -9.50 17.99
N PRO A 296 -4.34 -9.29 19.10
CA PRO A 296 -4.78 -10.43 19.93
C PRO A 296 -5.71 -11.39 19.18
N ASN A 297 -6.83 -10.87 18.66
CA ASN A 297 -7.87 -11.68 17.98
C ASN A 297 -7.34 -12.76 17.05
N TYR A 298 -6.17 -12.49 16.48
CA TYR A 298 -5.46 -13.40 15.57
C TYR A 298 -4.96 -14.63 16.31
N THR A 299 -5.78 -15.69 16.30
CA THR A 299 -5.29 -17.02 16.65
C THR A 299 -4.03 -17.23 15.80
N GLU A 300 -4.05 -17.14 14.44
CA GLU A 300 -5.25 -16.93 13.57
C GLU A 300 -5.39 -18.15 12.69
N PHE A 303 -0.93 -19.49 9.93
CA PHE A 303 -0.11 -18.89 8.87
C PHE A 303 0.89 -19.92 8.33
N PRO A 304 1.32 -19.74 7.07
CA PRO A 304 2.24 -20.71 6.47
C PRO A 304 3.54 -20.86 7.27
N GLN A 305 4.10 -22.07 7.27
CA GLN A 305 5.24 -22.44 8.13
C GLN A 305 6.61 -22.35 7.43
N ILE A 306 7.06 -21.11 7.22
CA ILE A 306 8.27 -20.82 6.48
C ILE A 306 9.48 -20.70 7.41
N LYS A 307 10.56 -21.35 7.03
CA LYS A 307 11.76 -21.37 7.87
C LYS A 307 12.53 -20.07 7.66
N ALA A 308 13.18 -19.61 8.73
CA ALA A 308 13.92 -18.34 8.70
C ALA A 308 15.06 -18.37 7.71
N HIS A 309 15.10 -17.34 6.88
CA HIS A 309 16.10 -17.22 5.84
C HIS A 309 17.38 -16.62 6.42
N PRO A 310 18.52 -17.29 6.18
CA PRO A 310 19.72 -16.72 6.74
C PRO A 310 19.84 -15.32 6.20
N TRP A 311 19.68 -14.40 7.13
CA TRP A 311 20.05 -13.02 6.93
C TRP A 311 21.27 -12.79 6.03
N THR A 312 22.31 -13.61 6.16
CA THR A 312 23.54 -13.47 5.35
C THR A 312 23.24 -13.48 3.85
N LYS A 313 22.32 -14.38 3.48
CA LYS A 313 21.94 -14.62 2.08
C LYS A 313 20.95 -13.57 1.50
N VAL A 314 20.38 -12.74 2.35
CA VAL A 314 19.49 -11.68 1.89
C VAL A 314 20.20 -10.58 1.09
N PHE A 315 21.49 -10.35 1.35
CA PHE A 315 22.17 -9.18 0.76
C PHE A 315 23.17 -9.53 -0.33
N ARG A 316 23.59 -8.53 -1.10
CA ARG A 316 24.74 -8.72 -2.02
C ARG A 316 25.93 -9.29 -1.26
N PRO A 317 26.84 -10.00 -1.95
CA PRO A 317 27.89 -10.61 -1.11
C PRO A 317 28.93 -9.59 -0.62
N ARG A 318 29.11 -8.48 -1.32
CA ARG A 318 30.04 -7.42 -0.87
C ARG A 318 29.65 -6.67 0.43
N THR A 319 28.42 -6.89 0.88
CA THR A 319 27.81 -6.11 1.94
C THR A 319 28.44 -6.28 3.35
N PRO A 320 28.83 -5.16 3.99
CA PRO A 320 29.47 -5.23 5.31
C PRO A 320 28.64 -5.97 6.36
N PRO A 321 29.22 -6.98 6.99
CA PRO A 321 28.64 -7.76 8.10
C PRO A 321 28.01 -6.93 9.20
N GLU A 322 28.63 -5.79 9.49
CA GLU A 322 28.15 -4.99 10.60
C GLU A 322 26.82 -4.38 10.19
N ALA A 323 26.67 -4.03 8.93
CA ALA A 323 25.39 -3.51 8.48
C ALA A 323 24.29 -4.56 8.58
N ILE A 324 24.62 -5.78 8.22
CA ILE A 324 23.62 -6.83 8.21
C ILE A 324 23.19 -7.11 9.63
N ALA A 325 24.19 -7.24 10.49
CA ALA A 325 23.89 -7.42 11.90
C ALA A 325 22.96 -6.31 12.45
N LEU A 326 23.20 -5.07 12.06
CA LEU A 326 22.36 -3.95 12.47
C LEU A 326 20.96 -4.17 11.93
N CYS A 327 20.87 -4.55 10.67
CA CYS A 327 19.58 -4.85 10.15
C CYS A 327 18.86 -5.83 11.03
N SER A 328 19.52 -6.92 11.40
CA SER A 328 18.79 -8.01 12.06
C SER A 328 18.31 -7.62 13.42
N ARG A 329 18.93 -6.60 14.00
CA ARG A 329 18.55 -6.12 15.32
C ARG A 329 17.54 -5.00 15.28
N LEU A 330 17.44 -4.32 14.15
CA LEU A 330 16.36 -3.34 13.94
C LEU A 330 15.07 -4.02 13.49
N LEU A 331 15.20 -5.02 12.65
CA LEU A 331 14.03 -5.68 12.04
C LEU A 331 13.65 -6.96 12.79
N GLU A 332 13.05 -6.78 13.96
CA GLU A 332 12.65 -7.86 14.85
C GLU A 332 11.12 -7.87 15.05
N TYR A 333 10.53 -9.06 15.04
CA TYR A 333 9.09 -9.17 15.30
C TYR A 333 8.75 -8.45 16.63
N THR A 334 9.38 -8.84 17.72
CA THR A 334 8.98 -8.30 19.00
C THR A 334 9.47 -6.87 19.15
N PRO A 335 8.55 -5.93 19.36
CA PRO A 335 8.88 -4.50 19.48
C PRO A 335 9.93 -4.16 20.54
N THR A 336 9.74 -4.70 21.75
CA THR A 336 10.73 -4.53 22.84
C THR A 336 12.06 -5.16 22.52
N ALA A 337 12.19 -5.98 21.47
CA ALA A 337 13.48 -6.60 21.17
C ALA A 337 14.34 -5.73 20.25
N ARG A 338 13.74 -4.73 19.60
CA ARG A 338 14.54 -4.04 18.60
C ARG A 338 15.36 -2.99 19.32
N LEU A 339 16.43 -2.50 18.69
CA LEU A 339 17.31 -1.51 19.30
C LEU A 339 16.58 -0.21 19.51
N THR A 340 16.97 0.52 20.54
CA THR A 340 16.55 1.89 20.69
C THR A 340 17.38 2.68 19.72
N PRO A 341 16.87 3.80 19.28
CA PRO A 341 17.69 4.60 18.40
C PRO A 341 19.08 4.74 18.94
N LEU A 342 19.15 4.98 20.25
CA LEU A 342 20.42 5.35 20.84
C LEU A 342 21.37 4.19 20.73
N GLU A 343 20.86 3.02 21.09
CA GLU A 343 21.64 1.83 20.93
C GLU A 343 22.11 1.69 19.52
N ALA A 344 21.30 2.13 18.56
CA ALA A 344 21.69 2.04 17.14
C ALA A 344 22.80 3.00 16.75
N CYS A 345 22.71 4.21 17.25
CA CYS A 345 23.80 5.13 17.05
C CYS A 345 25.09 4.48 17.54
N ALA A 346 25.03 3.77 18.66
CA ALA A 346 26.24 3.15 19.26
C ALA A 346 26.78 1.86 18.60
N HIS A 347 26.18 1.42 17.50
CA HIS A 347 26.49 0.13 16.91
C HIS A 347 27.82 0.12 16.14
N SER A 348 28.50 -1.02 16.15
CA SER A 348 29.82 -1.17 15.51
C SER A 348 29.84 -0.71 14.04
N PHE A 349 28.71 -0.84 13.36
CA PHE A 349 28.59 -0.41 12.00
C PHE A 349 28.82 1.07 11.87
N PHE A 350 28.65 1.81 12.95
CA PHE A 350 28.85 3.26 12.83
C PHE A 350 30.26 3.71 13.22
N ASP A 351 31.14 2.76 13.55
CA ASP A 351 32.47 3.06 14.10
C ASP A 351 33.33 3.91 13.17
N GLU A 352 33.32 3.65 11.89
CA GLU A 352 34.07 4.49 11.00
C GLU A 352 33.68 5.94 11.21
N LEU A 353 32.45 6.20 11.60
CA LEU A 353 32.04 7.60 11.81
C LEU A 353 32.77 8.24 12.99
N ARG A 354 33.16 7.41 13.94
CA ARG A 354 33.90 7.85 15.10
C ARG A 354 35.42 8.00 14.91
N ASP A 355 35.92 7.55 13.75
CA ASP A 355 37.32 7.69 13.36
C ASP A 355 37.66 9.14 13.23
N PRO A 356 38.75 9.59 13.85
CA PRO A 356 39.19 11.01 13.70
C PRO A 356 39.66 11.41 12.30
N ASN A 357 40.12 10.42 11.54
CA ASN A 357 40.54 10.68 10.15
C ASN A 357 39.45 10.59 9.09
N VAL A 358 38.22 10.32 9.53
CA VAL A 358 37.08 10.19 8.64
C VAL A 358 36.87 11.50 7.91
N LYS A 359 36.65 11.44 6.62
CA LYS A 359 36.36 12.64 5.84
C LYS A 359 35.32 12.38 4.76
N LEU A 360 34.66 13.43 4.27
CA LEU A 360 33.67 13.23 3.22
C LEU A 360 34.40 13.04 1.92
N PRO A 361 33.85 12.20 1.04
CA PRO A 361 34.34 12.02 -0.33
C PRO A 361 34.84 13.28 -0.99
N ASN A 362 34.17 14.40 -0.74
CA ASN A 362 34.54 15.66 -1.35
C ASN A 362 35.60 16.38 -0.56
N GLY A 363 36.24 15.71 0.38
CA GLY A 363 37.37 16.30 1.07
C GLY A 363 37.03 17.00 2.37
N ARG A 364 35.81 17.55 2.48
CA ARG A 364 35.35 18.21 3.73
C ARG A 364 35.23 17.28 4.96
N ASP A 365 35.32 17.92 6.12
CA ASP A 365 34.95 17.33 7.40
C ASP A 365 33.52 16.82 7.46
N THR A 366 33.31 15.83 8.32
CA THR A 366 31.97 15.39 8.58
C THR A 366 31.16 16.51 9.17
N PRO A 367 29.85 16.42 9.05
CA PRO A 367 29.00 17.28 9.83
C PRO A 367 28.98 16.89 11.31
N ALA A 368 28.28 17.71 12.09
CA ALA A 368 28.12 17.44 13.52
C ALA A 368 27.62 16.01 13.73
N LEU A 369 28.33 15.22 14.51
CA LEU A 369 27.85 13.88 14.83
C LEU A 369 27.75 13.57 16.32
N PHE A 370 28.36 14.42 17.13
CA PHE A 370 28.64 14.10 18.50
C PHE A 370 28.14 15.10 19.52
N ASN A 371 27.60 16.21 19.07
CA ASN A 371 27.10 17.21 19.95
C ASN A 371 25.83 16.74 20.59
N PHE A 372 25.85 15.61 21.28
CA PHE A 372 24.69 15.16 22.00
C PHE A 372 24.35 16.06 23.17
N THR A 373 23.07 16.06 23.53
CA THR A 373 22.61 16.66 24.76
C THR A 373 22.09 15.59 25.74
N THR A 374 21.87 16.04 26.96
CA THR A 374 21.38 15.24 28.05
C THR A 374 20.05 14.65 27.67
N GLN A 375 19.23 15.53 27.10
CA GLN A 375 17.90 15.20 26.62
C GLN A 375 17.95 14.05 25.62
N GLU A 376 18.95 14.09 24.75
CA GLU A 376 19.08 13.12 23.70
C GLU A 376 19.53 11.77 24.31
N LEU A 377 20.26 11.84 25.42
CA LEU A 377 20.88 10.64 26.00
C LEU A 377 20.09 9.98 27.12
N SER A 378 18.95 10.54 27.43
CA SER A 378 18.16 10.13 28.56
C SER A 378 17.82 8.65 28.57
N SER A 379 17.63 8.09 27.40
CA SER A 379 17.29 6.72 27.26
C SER A 379 18.33 5.90 27.92
N ASN A 380 19.60 6.20 27.66
CA ASN A 380 20.68 5.42 28.22
C ASN A 380 22.02 6.19 28.35
N PRO A 381 22.14 7.10 29.36
CA PRO A 381 23.37 7.95 29.30
C PRO A 381 24.74 7.27 29.27
N PRO A 382 24.93 6.11 29.96
CA PRO A 382 26.30 5.55 29.79
C PRO A 382 26.78 5.37 28.37
N LEU A 383 25.88 5.31 27.42
CA LEU A 383 26.28 5.29 26.01
C LEU A 383 27.17 6.47 25.61
N ALA A 384 27.18 7.52 26.42
CA ALA A 384 27.96 8.70 26.04
C ALA A 384 29.38 8.35 25.73
N THR A 385 29.92 7.42 26.50
CA THR A 385 31.34 7.11 26.35
C THR A 385 31.63 6.45 25.01
N ILE A 386 30.61 5.88 24.39
CA ILE A 386 30.77 5.37 23.03
C ILE A 386 30.41 6.45 22.03
N LEU A 387 29.34 7.15 22.29
CA LEU A 387 28.82 7.97 21.26
C LEU A 387 29.70 9.19 21.06
N ILE A 388 30.33 9.65 22.14
CA ILE A 388 31.25 10.82 22.09
C ILE A 388 32.71 10.38 22.18
N PRO A 389 33.33 10.16 21.05
CA PRO A 389 34.67 9.63 21.10
C PRO A 389 35.71 10.70 21.57
N PRO A 390 36.92 10.24 21.90
CA PRO A 390 37.93 11.07 22.57
C PRO A 390 38.27 12.43 21.88
N HIS A 391 38.36 12.45 20.56
CA HIS A 391 38.66 13.71 19.85
C HIS A 391 37.50 14.71 19.71
N ALA A 392 36.30 14.34 20.05
CA ALA A 392 35.16 15.15 19.75
C ALA A 392 34.94 16.32 20.71
N ARG A 393 35.00 17.54 20.18
CA ARG A 393 34.51 18.76 20.84
C ARG A 393 34.19 19.74 19.73
N ALA B 32 -1.27 -35.71 -0.99
CA ALA B 32 0.19 -35.88 -0.73
C ALA B 32 1.04 -36.49 -1.89
N PHE B 33 0.44 -37.36 -2.73
CA PHE B 33 1.20 -38.26 -3.63
C PHE B 33 0.94 -38.07 -5.16
N GLY B 34 1.16 -39.11 -5.96
CA GLY B 34 1.09 -39.05 -7.45
C GLY B 34 2.41 -38.64 -8.13
N SER B 35 2.78 -39.32 -9.22
CA SER B 35 4.03 -39.05 -9.96
C SER B 35 3.73 -38.32 -11.27
N MET B 36 4.77 -37.77 -11.90
CA MET B 36 4.67 -37.10 -13.22
C MET B 36 5.88 -37.46 -14.06
N LYS B 37 5.71 -37.56 -15.38
CA LYS B 37 6.76 -38.11 -16.28
C LYS B 37 7.16 -37.15 -17.38
N VAL B 38 8.40 -37.28 -17.87
CA VAL B 38 9.02 -36.25 -18.72
C VAL B 38 9.64 -36.83 -20.03
N SER B 39 8.81 -37.13 -21.02
CA SER B 39 9.28 -37.62 -22.32
C SER B 39 9.72 -36.46 -23.24
N ILE B 40 10.82 -36.68 -23.98
CA ILE B 40 11.33 -35.72 -24.98
C ILE B 40 10.85 -36.15 -26.37
N ASP B 41 10.17 -35.27 -27.08
CA ASP B 41 9.43 -35.61 -28.32
C ASP B 41 10.29 -35.92 -29.58
N LYS B 42 9.63 -35.97 -30.73
CA LYS B 42 10.28 -36.17 -32.05
C LYS B 42 10.94 -34.89 -32.59
N ASP B 43 10.52 -33.75 -32.04
CA ASP B 43 11.01 -32.41 -32.43
C ASP B 43 12.42 -32.03 -31.90
N GLY B 44 12.73 -32.21 -30.61
CA GLY B 44 11.84 -32.77 -29.58
C GLY B 44 11.64 -31.91 -28.35
N SER B 45 10.44 -31.36 -28.20
CA SER B 45 10.06 -30.53 -27.04
C SER B 45 9.92 -31.39 -25.77
N LYS B 46 10.14 -30.75 -24.62
CA LYS B 46 9.84 -31.37 -23.33
C LYS B 46 8.34 -31.50 -23.17
N VAL B 47 7.87 -32.73 -22.95
CA VAL B 47 6.47 -32.99 -22.62
C VAL B 47 6.33 -33.47 -21.17
N THR B 48 5.52 -32.77 -20.39
CA THR B 48 5.18 -33.25 -19.06
C THR B 48 3.76 -33.86 -19.03
N THR B 49 3.70 -35.05 -18.44
CA THR B 49 2.46 -35.79 -18.27
C THR B 49 2.24 -36.10 -16.81
N VAL B 50 1.07 -35.73 -16.33
CA VAL B 50 0.70 -35.88 -14.94
C VAL B 50 -0.62 -36.59 -14.91
N VAL B 51 -0.97 -37.05 -13.73
CA VAL B 51 -2.27 -37.61 -13.45
C VAL B 51 -2.97 -36.70 -12.46
N ALA B 52 -3.99 -35.98 -12.94
CA ALA B 52 -4.57 -34.86 -12.19
C ALA B 52 -6.06 -35.00 -11.98
N THR B 53 -6.52 -34.46 -10.87
CA THR B 53 -7.94 -34.38 -10.57
C THR B 53 -8.68 -33.25 -11.32
N PRO B 54 -9.93 -33.52 -11.71
CA PRO B 54 -10.72 -32.48 -12.33
C PRO B 54 -11.16 -31.41 -11.33
N GLY B 55 -11.28 -30.18 -11.81
CA GLY B 55 -11.66 -29.07 -10.96
C GLY B 55 -13.04 -29.36 -10.44
N GLN B 56 -13.99 -29.33 -11.36
CA GLN B 56 -15.36 -29.76 -11.07
C GLN B 56 -15.52 -31.20 -11.53
N GLY B 57 -16.72 -31.75 -11.42
CA GLY B 57 -16.94 -33.18 -11.63
C GLY B 57 -16.56 -33.94 -10.35
N PRO B 58 -16.62 -35.29 -10.41
CA PRO B 58 -16.14 -36.16 -9.32
C PRO B 58 -14.65 -36.52 -9.53
N ASP B 59 -14.02 -37.20 -8.57
CA ASP B 59 -12.60 -37.60 -8.66
C ASP B 59 -12.40 -38.69 -9.71
N ARG B 60 -12.19 -38.28 -10.96
CA ARG B 60 -12.01 -39.18 -12.07
C ARG B 60 -10.77 -38.71 -12.78
N PRO B 61 -9.64 -39.13 -12.24
CA PRO B 61 -8.36 -38.57 -12.59
C PRO B 61 -8.15 -38.68 -14.05
N GLN B 62 -7.33 -37.78 -14.57
CA GLN B 62 -7.10 -37.68 -15.99
C GLN B 62 -5.63 -37.47 -16.29
N GLU B 63 -5.16 -38.11 -17.36
CA GLU B 63 -3.84 -37.83 -17.87
C GLU B 63 -3.89 -36.58 -18.64
N VAL B 64 -3.13 -35.59 -18.17
CA VAL B 64 -2.98 -34.33 -18.85
C VAL B 64 -1.51 -34.17 -19.24
N SER B 65 -1.29 -33.70 -20.47
CA SER B 65 0.05 -33.61 -21.05
C SER B 65 0.33 -32.24 -21.68
N TYR B 66 1.39 -31.61 -21.20
CA TYR B 66 1.71 -30.27 -21.64
C TYR B 66 3.17 -30.05 -21.93
N THR B 67 3.42 -28.94 -22.64
CA THR B 67 4.73 -28.52 -23.11
C THR B 67 4.78 -26.99 -23.17
N ASP B 68 5.92 -26.43 -23.61
CA ASP B 68 6.15 -24.97 -23.72
C ASP B 68 6.05 -24.28 -22.38
N THR B 69 6.60 -24.94 -21.36
CA THR B 69 6.56 -24.41 -20.02
C THR B 69 7.46 -23.19 -19.88
N LYS B 70 6.85 -22.03 -19.59
CA LYS B 70 7.55 -20.75 -19.30
C LYS B 70 7.05 -20.17 -17.97
N VAL B 71 7.93 -19.49 -17.24
CA VAL B 71 7.48 -18.72 -16.07
C VAL B 71 6.98 -17.36 -16.55
N ILE B 72 5.79 -17.01 -16.12
CA ILE B 72 5.13 -15.79 -16.62
C ILE B 72 4.75 -14.82 -15.53
N GLY B 73 4.53 -15.37 -14.35
CA GLY B 73 4.33 -14.57 -13.17
C GLY B 73 5.11 -15.31 -12.13
N ASN B 74 5.27 -14.66 -11.00
CA ASN B 74 5.70 -15.36 -9.83
C ASN B 74 4.96 -14.68 -8.67
N GLY B 75 4.00 -15.42 -8.12
CA GLY B 75 3.13 -14.94 -7.05
C GLY B 75 3.86 -15.10 -5.75
N SER B 76 3.22 -14.65 -4.67
CA SER B 76 3.92 -14.53 -3.40
C SER B 76 4.37 -15.91 -2.91
N PHE B 77 3.46 -16.88 -3.07
CA PHE B 77 3.50 -18.15 -2.33
C PHE B 77 4.23 -19.24 -3.12
N GLY B 78 4.39 -18.98 -4.41
CA GLY B 78 5.13 -19.84 -5.31
C GLY B 78 5.12 -19.19 -6.68
N VAL B 79 4.99 -20.00 -7.72
CA VAL B 79 5.23 -19.52 -9.07
C VAL B 79 4.03 -19.78 -10.01
N VAL B 80 4.09 -19.15 -11.18
CA VAL B 80 3.02 -19.23 -12.16
C VAL B 80 3.66 -19.44 -13.52
N TYR B 81 3.29 -20.56 -14.14
CA TYR B 81 3.79 -20.90 -15.45
C TYR B 81 2.66 -20.85 -16.41
N GLN B 82 3.01 -20.77 -17.67
CA GLN B 82 2.11 -20.94 -18.79
C GLN B 82 2.52 -22.27 -19.41
N ALA B 83 1.59 -22.92 -20.09
CA ALA B 83 1.89 -24.16 -20.76
C ALA B 83 0.88 -24.42 -21.81
N LYS B 84 1.17 -25.43 -22.61
CA LYS B 84 0.29 -25.84 -23.68
C LYS B 84 -0.13 -27.28 -23.49
N LEU B 85 -1.42 -27.52 -23.63
CA LEU B 85 -1.94 -28.87 -23.68
C LEU B 85 -1.59 -29.53 -25.03
N CYS B 86 -0.88 -30.64 -24.96
CA CYS B 86 -0.42 -31.37 -26.14
C CYS B 86 -1.48 -31.76 -27.13
N ASP B 87 -2.63 -32.18 -26.63
CA ASP B 87 -3.72 -32.58 -27.51
C ASP B 87 -4.46 -31.35 -28.07
N SER B 88 -5.30 -30.68 -27.27
CA SER B 88 -6.10 -29.55 -27.79
C SER B 88 -5.24 -28.38 -28.28
N GLY B 89 -4.04 -28.20 -27.72
CA GLY B 89 -3.20 -27.07 -28.09
C GLY B 89 -3.50 -25.81 -27.29
N GLU B 90 -4.64 -25.80 -26.59
CA GLU B 90 -5.04 -24.66 -25.75
C GLU B 90 -3.91 -24.35 -24.81
N LEU B 91 -3.73 -23.07 -24.52
CA LEU B 91 -2.77 -22.65 -23.50
C LEU B 91 -3.46 -22.76 -22.16
N VAL B 92 -2.68 -22.86 -21.09
CA VAL B 92 -3.22 -22.86 -19.74
C VAL B 92 -2.19 -22.23 -18.83
N ALA B 93 -2.58 -21.96 -17.59
CA ALA B 93 -1.69 -21.42 -16.62
C ALA B 93 -1.61 -22.44 -15.54
N ILE B 94 -0.43 -22.61 -14.93
CA ILE B 94 -0.26 -23.51 -13.79
C ILE B 94 0.31 -22.74 -12.62
N LYS B 95 -0.37 -22.83 -11.48
CA LYS B 95 0.01 -22.11 -10.31
C LYS B 95 0.52 -23.12 -9.30
N LYS B 96 1.83 -23.13 -9.12
CA LYS B 96 2.51 -24.03 -8.19
C LYS B 96 2.59 -23.31 -6.85
N VAL B 97 2.13 -23.93 -5.78
CA VAL B 97 2.21 -23.32 -4.48
C VAL B 97 2.70 -24.33 -3.50
N LEU B 98 3.38 -23.86 -2.48
CA LEU B 98 3.85 -24.72 -1.44
C LEU B 98 2.67 -25.33 -0.74
N GLN B 99 2.75 -26.59 -0.41
CA GLN B 99 1.61 -27.22 0.23
C GLN B 99 1.88 -27.56 1.67
N ASP B 100 1.01 -27.08 2.54
CA ASP B 100 1.13 -27.36 3.94
C ASP B 100 0.58 -28.73 4.08
N LYS B 101 1.43 -29.66 4.42
CA LYS B 101 0.97 -31.04 4.58
C LYS B 101 -0.05 -31.09 5.72
N ARG B 102 0.10 -30.16 6.66
CA ARG B 102 -0.67 -30.15 7.92
C ARG B 102 -2.18 -30.01 7.71
N PHE B 103 -2.59 -29.09 6.85
CA PHE B 103 -4.03 -28.70 6.73
C PHE B 103 -4.53 -28.68 5.27
N LYS B 104 -5.84 -28.47 5.13
CA LYS B 104 -6.51 -28.43 3.82
C LYS B 104 -6.34 -27.05 3.14
N ASN B 105 -6.18 -27.02 1.81
CA ASN B 105 -5.93 -25.76 1.10
C ASN B 105 -7.18 -24.87 0.73
N ARG B 106 -7.24 -23.66 1.27
CA ARG B 106 -8.47 -22.86 1.26
C ARG B 106 -8.78 -22.31 -0.13
N GLU B 107 -7.73 -22.09 -0.91
CA GLU B 107 -7.90 -21.56 -2.25
C GLU B 107 -8.52 -22.66 -3.09
N LEU B 108 -7.90 -23.83 -3.05
CA LEU B 108 -8.39 -24.99 -3.76
C LEU B 108 -9.82 -25.33 -3.40
N GLN B 109 -10.16 -25.33 -2.10
CA GLN B 109 -11.48 -25.78 -1.67
C GLN B 109 -12.57 -24.88 -2.21
N ILE B 110 -12.26 -23.60 -2.31
CA ILE B 110 -13.15 -22.63 -2.92
C ILE B 110 -13.21 -22.81 -4.43
N MET B 111 -12.05 -22.80 -5.07
CA MET B 111 -12.01 -22.98 -6.50
C MET B 111 -12.76 -24.25 -6.97
N ARG B 112 -12.93 -25.23 -6.08
CA ARG B 112 -13.67 -26.44 -6.45
C ARG B 112 -15.18 -26.31 -6.33
N LYS B 113 -15.62 -25.30 -5.60
CA LYS B 113 -17.00 -25.03 -5.41
C LYS B 113 -17.54 -24.26 -6.60
N LEU B 114 -16.70 -23.49 -7.26
CA LEU B 114 -17.20 -22.37 -8.07
C LEU B 114 -17.31 -22.70 -9.53
N ASP B 115 -18.42 -22.30 -10.13
CA ASP B 115 -18.67 -22.68 -11.51
C ASP B 115 -19.43 -21.59 -12.24
N HIS B 116 -18.75 -20.73 -12.99
CA HIS B 116 -19.42 -19.51 -13.47
C HIS B 116 -18.66 -18.85 -14.61
N CYS B 117 -19.41 -18.34 -15.57
CA CYS B 117 -18.85 -17.91 -16.86
C CYS B 117 -17.90 -16.69 -16.70
N ASN B 118 -18.09 -15.93 -15.62
CA ASN B 118 -17.20 -14.83 -15.23
C ASN B 118 -16.19 -15.09 -14.11
N ILE B 119 -15.85 -16.36 -13.90
CA ILE B 119 -14.82 -16.74 -12.94
C ILE B 119 -13.89 -17.72 -13.64
N VAL B 120 -12.61 -17.38 -13.56
CA VAL B 120 -11.58 -18.21 -14.10
C VAL B 120 -11.88 -19.64 -13.68
N ARG B 121 -11.62 -20.59 -14.58
CA ARG B 121 -11.97 -21.99 -14.34
C ARG B 121 -10.74 -22.82 -13.91
N LEU B 122 -10.95 -23.65 -12.89
CA LEU B 122 -9.97 -24.61 -12.47
C LEU B 122 -10.16 -25.91 -13.27
N ARG B 123 -9.37 -26.08 -14.33
CA ARG B 123 -9.48 -27.28 -15.14
C ARG B 123 -9.02 -28.52 -14.37
N TYR B 124 -7.89 -28.42 -13.66
CA TYR B 124 -7.37 -29.54 -12.88
C TYR B 124 -6.48 -29.09 -11.79
N PHE B 125 -6.30 -29.99 -10.84
CA PHE B 125 -5.22 -29.81 -9.91
C PHE B 125 -4.52 -31.10 -9.54
N PHE B 126 -3.24 -30.99 -9.18
CA PHE B 126 -2.48 -32.13 -8.73
C PHE B 126 -1.36 -31.73 -7.84
N TYR B 127 -0.80 -32.71 -7.18
CA TYR B 127 0.31 -32.47 -6.29
C TYR B 127 1.56 -32.99 -6.94
N SER B 128 2.67 -32.32 -6.71
CA SER B 128 3.93 -32.80 -7.22
C SER B 128 4.95 -32.48 -6.18
N SER B 129 6.16 -32.92 -6.46
CA SER B 129 7.29 -32.45 -5.71
C SER B 129 8.09 -31.48 -6.54
N GLY B 130 8.07 -30.23 -6.08
CA GLY B 130 9.30 -29.48 -5.93
C GLY B 130 9.67 -29.88 -4.51
N GLU B 131 10.77 -29.38 -3.96
CA GLU B 131 11.84 -28.77 -4.72
C GLU B 131 13.05 -29.47 -4.13
N LYS B 132 13.18 -30.74 -4.53
CA LYS B 132 14.15 -31.70 -4.00
C LYS B 132 14.07 -31.70 -2.49
N LYS B 133 12.87 -31.74 -1.96
CA LYS B 133 12.74 -31.75 -0.53
C LYS B 133 11.51 -32.45 0.00
N ASP B 134 11.41 -32.43 1.31
CA ASP B 134 10.34 -33.05 2.04
C ASP B 134 9.06 -32.49 1.48
N GLU B 135 9.10 -31.22 1.11
CA GLU B 135 7.91 -30.49 0.69
C GLU B 135 7.26 -30.86 -0.65
N VAL B 136 5.93 -30.89 -0.63
CA VAL B 136 5.09 -31.15 -1.80
C VAL B 136 4.44 -29.86 -2.29
N TYR B 137 4.30 -29.71 -3.61
CA TYR B 137 3.62 -28.54 -4.16
C TYR B 137 2.27 -28.87 -4.79
N LEU B 138 1.32 -27.97 -4.56
CA LEU B 138 0.00 -28.05 -5.14
C LEU B 138 0.03 -27.27 -6.44
N ASN B 139 -0.40 -27.88 -7.53
CA ASN B 139 -0.47 -27.21 -8.81
C ASN B 139 -1.89 -27.07 -9.24
N LEU B 140 -2.27 -25.86 -9.62
CA LEU B 140 -3.60 -25.57 -10.10
C LEU B 140 -3.52 -25.18 -11.54
N VAL B 141 -4.28 -25.88 -12.37
CA VAL B 141 -4.25 -25.72 -13.81
C VAL B 141 -5.46 -24.88 -14.22
N LEU B 142 -5.25 -23.79 -14.95
CA LEU B 142 -6.30 -22.79 -15.17
C LEU B 142 -6.30 -22.19 -16.55
N ASP B 143 -7.48 -21.77 -16.97
CA ASP B 143 -7.62 -21.03 -18.21
C ASP B 143 -6.54 -19.96 -18.22
N TYR B 144 -5.76 -19.91 -19.29
CA TYR B 144 -4.78 -18.85 -19.48
C TYR B 144 -5.36 -17.67 -20.25
N VAL B 145 -5.48 -16.52 -19.60
CA VAL B 145 -5.95 -15.32 -20.28
C VAL B 145 -4.87 -14.24 -20.21
N PRO B 146 -4.48 -13.74 -21.38
CA PRO B 146 -3.33 -12.84 -21.41
C PRO B 146 -3.67 -11.38 -20.93
N GLU B 147 -4.79 -10.86 -21.41
CA GLU B 147 -5.17 -9.51 -21.11
C GLU B 147 -5.89 -9.39 -19.77
N THR B 148 -5.79 -8.19 -19.20
CA THR B 148 -6.35 -7.86 -17.93
C THR B 148 -6.84 -6.45 -17.98
N VAL B 149 -7.79 -6.11 -17.12
CA VAL B 149 -8.31 -4.77 -17.06
C VAL B 149 -7.20 -3.78 -16.82
N TYR B 150 -6.34 -4.12 -15.86
CA TYR B 150 -5.16 -3.34 -15.59
C TYR B 150 -4.44 -2.92 -16.84
N ARG B 151 -4.03 -3.88 -17.65
CA ARG B 151 -3.22 -3.53 -18.81
C ARG B 151 -3.97 -2.66 -19.83
N VAL B 152 -5.26 -2.95 -20.02
CA VAL B 152 -6.08 -2.19 -20.92
C VAL B 152 -6.13 -0.77 -20.39
N ALA B 153 -6.60 -0.61 -19.15
CA ALA B 153 -6.77 0.73 -18.58
C ALA B 153 -5.51 1.52 -18.74
N ARG B 154 -4.37 0.87 -18.55
CA ARG B 154 -3.09 1.54 -18.60
C ARG B 154 -2.73 1.94 -20.02
N HIS B 155 -2.84 1.02 -20.96
CA HIS B 155 -2.61 1.34 -22.37
C HIS B 155 -3.35 2.63 -22.76
N TYR B 156 -4.63 2.69 -22.45
CA TYR B 156 -5.44 3.85 -22.78
C TYR B 156 -4.91 5.02 -21.99
N SER B 157 -4.54 4.80 -20.74
CA SER B 157 -4.12 5.93 -19.90
C SER B 157 -2.82 6.58 -20.33
N ARG B 158 -1.92 5.73 -20.84
CA ARG B 158 -0.64 6.13 -21.41
C ARG B 158 -0.84 6.99 -22.60
N ALA B 159 -1.75 6.57 -23.45
CA ALA B 159 -2.07 7.33 -24.64
C ALA B 159 -2.96 8.56 -24.32
N LYS B 160 -3.18 8.87 -23.05
CA LYS B 160 -4.04 10.01 -22.70
C LYS B 160 -5.48 9.90 -23.25
N GLN B 161 -5.94 8.68 -23.52
CA GLN B 161 -7.28 8.45 -24.07
C GLN B 161 -8.21 7.84 -23.00
N THR B 162 -9.50 7.78 -23.34
CA THR B 162 -10.52 7.15 -22.49
C THR B 162 -11.03 5.87 -23.12
N LEU B 163 -11.20 4.87 -22.26
CA LEU B 163 -11.76 3.61 -22.66
C LEU B 163 -13.22 3.81 -23.03
N PRO B 164 -13.62 3.40 -24.23
CA PRO B 164 -15.02 3.59 -24.57
C PRO B 164 -15.96 3.05 -23.49
N VAL B 165 -16.91 3.88 -23.11
CA VAL B 165 -17.85 3.55 -22.05
C VAL B 165 -18.45 2.15 -22.21
N ILE B 166 -18.61 1.69 -23.42
CA ILE B 166 -19.26 0.43 -23.64
C ILE B 166 -18.43 -0.73 -23.03
N TYR B 167 -17.11 -0.65 -23.07
CA TYR B 167 -16.31 -1.66 -22.38
C TYR B 167 -16.40 -1.49 -20.86
N VAL B 168 -16.51 -0.25 -20.44
CA VAL B 168 -16.64 0.01 -19.03
C VAL B 168 -17.89 -0.70 -18.55
N LYS B 169 -18.97 -0.65 -19.32
CA LYS B 169 -20.23 -1.26 -18.90
C LYS B 169 -20.12 -2.76 -18.92
N LEU B 170 -19.63 -3.27 -20.02
CA LEU B 170 -19.39 -4.69 -20.12
C LEU B 170 -18.59 -5.24 -18.95
N TYR B 171 -17.39 -4.72 -18.76
CA TYR B 171 -16.47 -5.22 -17.78
C TYR B 171 -17.08 -5.10 -16.36
N MET B 172 -17.60 -3.91 -16.06
CA MET B 172 -18.12 -3.73 -14.72
C MET B 172 -19.29 -4.66 -14.44
N TYR B 173 -20.21 -4.75 -15.39
CA TYR B 173 -21.35 -5.62 -15.24
C TYR B 173 -20.94 -7.07 -14.97
N GLN B 174 -20.03 -7.57 -15.78
CA GLN B 174 -19.59 -8.96 -15.63
C GLN B 174 -18.95 -9.21 -14.28
N LEU B 175 -18.24 -8.20 -13.76
CA LEU B 175 -17.59 -8.35 -12.47
C LEU B 175 -18.70 -8.50 -11.40
N PHE B 176 -19.71 -7.64 -11.47
CA PHE B 176 -20.80 -7.72 -10.52
C PHE B 176 -21.51 -9.06 -10.55
N ARG B 177 -21.65 -9.65 -11.74
CA ARG B 177 -22.14 -11.03 -11.81
C ARG B 177 -21.28 -11.94 -10.99
N SER B 178 -19.97 -11.86 -11.15
CA SER B 178 -19.12 -12.79 -10.45
C SER B 178 -19.30 -12.56 -8.96
N LEU B 179 -19.50 -11.32 -8.56
CA LEU B 179 -19.60 -11.04 -7.14
C LEU B 179 -20.92 -11.54 -6.62
N ALA B 180 -22.00 -11.26 -7.34
CA ALA B 180 -23.29 -11.79 -6.95
C ALA B 180 -23.21 -13.32 -6.77
N TYR B 181 -22.51 -13.99 -7.67
CA TYR B 181 -22.39 -15.41 -7.61
C TYR B 181 -21.62 -15.89 -6.40
N ILE B 182 -20.36 -15.50 -6.24
CA ILE B 182 -19.60 -15.93 -5.07
C ILE B 182 -20.22 -15.48 -3.76
N HIS B 183 -20.75 -14.27 -3.72
CA HIS B 183 -21.32 -13.82 -2.50
C HIS B 183 -22.46 -14.69 -2.13
N SER B 184 -23.14 -15.24 -3.12
CA SER B 184 -24.33 -16.01 -2.81
C SER B 184 -23.90 -17.22 -1.95
N PHE B 185 -22.68 -17.70 -2.11
CA PHE B 185 -22.17 -18.74 -1.23
C PHE B 185 -21.50 -18.19 0.01
N GLY B 186 -21.72 -16.93 0.35
CA GLY B 186 -20.99 -16.30 1.47
C GLY B 186 -19.47 -16.10 1.36
N ILE B 187 -18.92 -16.33 0.18
CA ILE B 187 -17.54 -16.08 -0.13
C ILE B 187 -17.21 -14.64 -0.64
N CYS B 188 -16.22 -14.03 0.03
CA CYS B 188 -15.68 -12.71 -0.28
C CYS B 188 -14.33 -12.92 -0.91
N HIS B 189 -14.09 -12.18 -2.00
CA HIS B 189 -12.85 -12.35 -2.75
C HIS B 189 -11.72 -11.74 -1.90
N ARG B 190 -12.00 -10.53 -1.44
CA ARG B 190 -11.08 -9.70 -0.63
C ARG B 190 -9.92 -9.03 -1.39
N ASP B 191 -9.91 -9.10 -2.70
CA ASP B 191 -8.73 -8.63 -3.44
C ASP B 191 -9.08 -8.16 -4.88
N ILE B 192 -10.17 -7.43 -4.98
CA ILE B 192 -10.61 -7.03 -6.25
C ILE B 192 -9.74 -5.86 -6.69
N LYS B 193 -9.11 -6.02 -7.84
CA LYS B 193 -8.34 -4.96 -8.44
C LYS B 193 -8.23 -5.26 -9.92
N PRO B 194 -7.77 -4.33 -10.71
CA PRO B 194 -7.73 -4.57 -12.12
C PRO B 194 -6.85 -5.67 -12.61
N GLN B 195 -5.80 -5.99 -11.88
CA GLN B 195 -4.90 -7.05 -12.31
C GLN B 195 -5.61 -8.42 -12.18
N ASN B 196 -6.72 -8.43 -11.49
CA ASN B 196 -7.40 -9.65 -11.14
C ASN B 196 -8.64 -9.88 -11.99
N LEU B 197 -8.84 -9.02 -12.98
CA LEU B 197 -9.94 -9.12 -13.93
C LEU B 197 -9.39 -9.39 -15.29
N LEU B 198 -9.54 -10.63 -15.73
CA LEU B 198 -8.97 -11.12 -16.99
C LEU B 198 -9.96 -10.87 -18.09
N LEU B 199 -9.45 -10.61 -19.28
CA LEU B 199 -10.27 -10.33 -20.43
C LEU B 199 -9.82 -11.16 -21.58
N ASP B 200 -10.81 -11.70 -22.28
CA ASP B 200 -10.62 -12.18 -23.63
C ASP B 200 -10.80 -10.99 -24.56
N PRO B 201 -9.83 -10.74 -25.45
CA PRO B 201 -9.89 -9.47 -26.20
C PRO B 201 -11.01 -9.40 -27.26
N ASP B 202 -11.32 -10.54 -27.86
CA ASP B 202 -12.26 -10.60 -28.97
C ASP B 202 -13.68 -10.66 -28.46
N THR B 203 -13.94 -11.62 -27.57
CA THR B 203 -15.27 -11.79 -26.94
C THR B 203 -15.64 -10.68 -25.94
N ALA B 204 -14.65 -10.09 -25.28
CA ALA B 204 -14.89 -9.10 -24.20
C ALA B 204 -15.39 -9.78 -22.95
N VAL B 205 -15.02 -11.02 -22.78
CA VAL B 205 -15.47 -11.73 -21.61
C VAL B 205 -14.51 -11.41 -20.50
N LEU B 206 -15.04 -11.23 -19.29
CA LEU B 206 -14.24 -10.96 -18.09
C LEU B 206 -14.29 -12.14 -17.11
N LYS B 207 -13.14 -12.60 -16.67
CA LYS B 207 -13.12 -13.65 -15.69
C LYS B 207 -12.35 -13.25 -14.45
N LEU B 208 -13.02 -13.26 -13.32
CA LEU B 208 -12.40 -12.93 -12.07
C LEU B 208 -11.46 -14.02 -11.65
N CYS B 209 -10.31 -13.62 -11.17
CA CYS B 209 -9.22 -14.54 -10.88
C CYS B 209 -8.56 -14.24 -9.55
N ASP B 210 -7.63 -15.12 -9.16
CA ASP B 210 -6.83 -15.02 -7.96
C ASP B 210 -7.55 -15.04 -6.63
N PHE B 211 -7.99 -16.21 -6.25
CA PHE B 211 -8.79 -16.39 -5.06
C PHE B 211 -7.95 -16.75 -3.83
N GLY B 212 -6.69 -16.40 -3.87
CA GLY B 212 -5.79 -16.59 -2.75
C GLY B 212 -6.09 -15.86 -1.48
N SER B 213 -6.80 -14.75 -1.52
CA SER B 213 -7.26 -14.12 -0.30
C SER B 213 -8.70 -14.43 0.10
N ALA B 214 -9.43 -15.12 -0.76
CA ALA B 214 -10.86 -15.32 -0.54
C ALA B 214 -11.10 -16.21 0.65
N LYS B 215 -12.22 -15.96 1.30
CA LYS B 215 -12.57 -16.67 2.51
C LYS B 215 -14.06 -16.63 2.57
N GLN B 216 -14.63 -17.63 3.18
CA GLN B 216 -16.04 -17.62 3.40
C GLN B 216 -16.36 -16.92 4.72
N LEU B 217 -17.06 -15.82 4.70
CA LEU B 217 -17.30 -15.11 5.95
C LEU B 217 -18.45 -15.66 6.77
N VAL B 218 -18.16 -15.98 8.01
CA VAL B 218 -19.17 -16.34 8.97
C VAL B 218 -19.42 -15.12 9.86
N ARG B 219 -20.66 -14.66 9.97
CA ARG B 219 -20.95 -13.60 10.93
C ARG B 219 -20.59 -14.23 12.27
N GLY B 220 -20.08 -13.44 13.20
CA GLY B 220 -19.58 -13.99 14.46
C GLY B 220 -18.08 -14.27 14.47
N GLU B 221 -17.54 -14.78 13.37
CA GLU B 221 -16.10 -15.08 13.31
C GLU B 221 -15.29 -13.95 12.66
N PRO B 222 -14.15 -13.57 13.25
CA PRO B 222 -13.44 -12.37 12.81
C PRO B 222 -12.43 -12.66 11.69
N ASN B 223 -12.03 -11.63 10.96
CA ASN B 223 -11.17 -11.82 9.82
C ASN B 223 -9.98 -10.87 9.83
N VAL B 224 -8.88 -11.28 9.20
CA VAL B 224 -7.73 -10.40 9.23
C VAL B 224 -8.18 -9.16 8.50
N SER B 225 -7.63 -8.02 8.85
CA SER B 225 -7.97 -6.77 8.17
C SER B 225 -6.96 -6.35 7.13
N TYR B 226 -5.90 -7.08 6.94
CA TYR B 226 -4.84 -6.60 6.04
C TYR B 226 -4.86 -7.28 4.67
N ILE B 227 -6.03 -7.73 4.28
CA ILE B 227 -6.23 -8.48 3.05
C ILE B 227 -6.28 -7.77 1.71
N CYS B 228 -6.81 -6.58 1.64
CA CYS B 228 -7.06 -6.05 0.30
C CYS B 228 -5.88 -5.23 -0.22
N SER B 229 -5.78 -5.05 -1.52
CA SER B 229 -4.70 -4.20 -2.09
C SER B 229 -4.97 -2.73 -2.02
N ARG B 230 -3.95 -1.92 -2.21
CA ARG B 230 -3.91 -0.56 -1.68
C ARG B 230 -4.81 0.53 -2.21
N TYR B 231 -5.07 0.57 -3.50
CA TYR B 231 -5.99 1.57 -3.97
C TYR B 231 -7.47 1.26 -3.70
N TYR B 232 -7.75 0.02 -3.32
CA TYR B 232 -9.08 -0.57 -3.38
C TYR B 232 -9.64 -1.02 -2.05
N ARG B 233 -9.06 -0.56 -0.97
CA ARG B 233 -9.50 -0.96 0.33
C ARG B 233 -10.58 -0.05 0.84
N ALA B 234 -11.61 -0.69 1.37
CA ALA B 234 -12.75 -0.05 1.95
C ALA B 234 -12.35 0.65 3.22
N PRO B 235 -12.98 1.77 3.54
CA PRO B 235 -12.56 2.52 4.70
C PRO B 235 -12.48 1.65 5.97
N GLU B 236 -13.41 0.71 6.11
CA GLU B 236 -13.44 -0.11 7.30
C GLU B 236 -12.21 -1.04 7.40
N LEU B 237 -11.67 -1.44 6.26
CA LEU B 237 -10.42 -2.17 6.26
C LEU B 237 -9.28 -1.27 6.64
N ILE B 238 -9.30 -0.05 6.11
CA ILE B 238 -8.20 0.85 6.35
C ILE B 238 -8.08 1.04 7.86
N PHE B 239 -9.13 0.74 8.61
CA PHE B 239 -9.10 0.82 10.08
C PHE B 239 -9.09 -0.50 10.79
N GLY B 240 -8.43 -1.46 10.19
CA GLY B 240 -8.34 -2.77 10.77
C GLY B 240 -9.59 -3.30 11.45
N ALA B 241 -10.76 -2.96 10.93
CA ALA B 241 -11.99 -3.67 11.29
C ALA B 241 -11.80 -5.16 10.96
N THR B 242 -12.38 -6.04 11.77
CA THR B 242 -12.30 -7.49 11.52
C THR B 242 -13.68 -8.18 11.46
N ASP B 243 -14.72 -7.37 11.65
CA ASP B 243 -16.12 -7.75 11.58
C ASP B 243 -16.73 -7.35 10.22
N TYR B 244 -15.90 -7.21 9.20
CA TYR B 244 -16.37 -6.62 7.94
C TYR B 244 -17.18 -7.68 7.18
N THR B 245 -17.95 -7.22 6.17
CA THR B 245 -18.80 -8.11 5.36
C THR B 245 -18.33 -8.17 3.92
N SER B 246 -19.07 -8.87 3.09
CA SER B 246 -18.78 -8.92 1.67
C SER B 246 -18.83 -7.59 0.95
N SER B 247 -19.41 -6.56 1.57
CA SER B 247 -19.51 -5.34 0.81
C SER B 247 -18.16 -4.71 0.56
N ILE B 248 -17.12 -5.21 1.19
CA ILE B 248 -15.78 -4.74 0.82
C ILE B 248 -15.44 -4.90 -0.68
N ASP B 249 -15.88 -6.04 -1.25
CA ASP B 249 -15.72 -6.30 -2.67
C ASP B 249 -16.47 -5.27 -3.49
N VAL B 250 -17.59 -4.78 -2.97
CA VAL B 250 -18.36 -3.80 -3.71
C VAL B 250 -17.69 -2.45 -3.70
N TRP B 251 -17.13 -2.07 -2.57
CA TRP B 251 -16.30 -0.90 -2.49
C TRP B 251 -15.21 -1.03 -3.51
N SER B 252 -14.46 -2.11 -3.41
CA SER B 252 -13.35 -2.28 -4.32
C SER B 252 -13.81 -2.14 -5.76
N ALA B 253 -14.98 -2.71 -6.05
CA ALA B 253 -15.46 -2.72 -7.41
C ALA B 253 -15.82 -1.30 -7.85
N GLY B 254 -16.41 -0.54 -6.94
CA GLY B 254 -16.67 0.88 -7.19
C GLY B 254 -15.39 1.64 -7.45
N CYS B 255 -14.31 1.29 -6.75
CA CYS B 255 -12.99 1.86 -7.09
C CYS B 255 -12.54 1.59 -8.52
N VAL B 256 -12.74 0.39 -9.00
CA VAL B 256 -12.32 0.08 -10.36
C VAL B 256 -13.13 0.83 -11.37
N LEU B 257 -14.42 0.97 -11.09
CA LEU B 257 -15.27 1.66 -12.03
C LEU B 257 -14.75 3.07 -12.16
N ALA B 258 -14.60 3.71 -11.02
CA ALA B 258 -14.19 5.08 -11.05
C ALA B 258 -12.82 5.26 -11.75
N GLU B 259 -11.96 4.30 -11.59
CA GLU B 259 -10.66 4.36 -12.20
C GLU B 259 -10.76 4.27 -13.70
N LEU B 260 -11.72 3.49 -14.19
CA LEU B 260 -11.88 3.37 -15.64
C LEU B 260 -12.41 4.70 -16.19
N LEU B 261 -13.29 5.33 -15.44
CA LEU B 261 -13.83 6.61 -15.80
C LEU B 261 -12.79 7.67 -15.72
N LEU B 262 -11.95 7.65 -14.71
CA LEU B 262 -11.00 8.74 -14.51
C LEU B 262 -9.67 8.52 -15.18
N GLY B 263 -9.37 7.27 -15.50
CA GLY B 263 -8.08 6.96 -16.10
C GLY B 263 -6.97 6.96 -15.10
N GLN B 264 -7.34 6.98 -13.83
CA GLN B 264 -6.35 6.83 -12.78
C GLN B 264 -7.06 6.57 -11.51
N PRO B 265 -6.39 5.96 -10.57
CA PRO B 265 -7.03 5.60 -9.33
C PRO B 265 -7.75 6.74 -8.66
N ILE B 266 -8.89 6.50 -8.07
CA ILE B 266 -9.65 7.56 -7.44
C ILE B 266 -9.14 7.86 -6.03
N PHE B 267 -8.60 6.86 -5.32
CA PHE B 267 -8.18 6.98 -3.90
C PHE B 267 -6.73 6.54 -3.61
N PRO B 268 -5.76 7.27 -4.18
CA PRO B 268 -4.37 6.91 -4.02
C PRO B 268 -3.76 7.47 -2.76
N GLY B 269 -2.74 6.77 -2.30
CA GLY B 269 -1.89 7.20 -1.21
C GLY B 269 -0.99 6.04 -0.80
N ASP B 270 0.23 6.37 -0.37
CA ASP B 270 1.13 5.32 0.09
C ASP B 270 0.76 4.91 1.51
N SER B 271 -0.13 5.69 2.12
CA SER B 271 -0.52 5.54 3.49
C SER B 271 -2.02 5.51 3.62
N GLY B 272 -2.51 4.82 4.63
CA GLY B 272 -3.94 4.79 4.93
C GLY B 272 -4.46 6.20 5.14
N VAL B 273 -3.68 6.97 5.87
CA VAL B 273 -4.03 8.35 6.14
C VAL B 273 -4.21 9.05 4.80
N ASP B 274 -3.22 8.88 3.91
CA ASP B 274 -3.28 9.55 2.64
C ASP B 274 -4.59 9.19 1.89
N GLN B 275 -4.99 7.92 1.99
CA GLN B 275 -6.10 7.39 1.23
C GLN B 275 -7.38 7.91 1.85
N LEU B 276 -7.49 7.83 3.18
CA LEU B 276 -8.68 8.46 3.79
C LEU B 276 -8.84 9.93 3.49
N VAL B 277 -7.78 10.68 3.31
CA VAL B 277 -7.94 12.04 2.90
C VAL B 277 -8.69 12.07 1.59
N GLU B 278 -8.23 11.26 0.64
CA GLU B 278 -8.77 11.30 -0.73
C GLU B 278 -10.25 10.92 -0.68
N ILE B 279 -10.57 9.94 0.14
CA ILE B 279 -11.92 9.43 0.21
C ILE B 279 -12.79 10.52 0.74
N ILE B 280 -12.32 11.17 1.79
CA ILE B 280 -13.08 12.18 2.47
C ILE B 280 -13.31 13.34 1.51
N LYS B 281 -12.25 13.75 0.83
CA LYS B 281 -12.38 14.73 -0.24
C LYS B 281 -13.56 14.47 -1.16
N VAL B 282 -13.89 13.21 -1.43
CA VAL B 282 -14.98 12.88 -2.33
C VAL B 282 -16.29 12.58 -1.62
N LEU B 283 -16.25 11.75 -0.61
CA LEU B 283 -17.51 11.44 0.06
C LEU B 283 -17.97 12.50 1.04
N GLY B 284 -17.07 13.40 1.43
CA GLY B 284 -17.33 14.28 2.56
C GLY B 284 -16.85 13.71 3.87
N THR B 285 -17.35 14.29 4.96
CA THR B 285 -16.90 13.89 6.27
C THR B 285 -17.81 12.83 6.82
N PRO B 286 -17.24 11.68 7.15
CA PRO B 286 -18.06 10.66 7.78
C PRO B 286 -18.75 11.18 9.04
N THR B 287 -19.99 10.77 9.23
CA THR B 287 -20.73 11.15 10.40
C THR B 287 -20.08 10.48 11.60
N ARG B 288 -20.40 10.97 12.78
CA ARG B 288 -19.93 10.35 14.02
C ARG B 288 -20.25 8.87 14.03
N GLU B 289 -21.51 8.55 13.70
CA GLU B 289 -21.97 7.17 13.71
C GLU B 289 -21.20 6.32 12.67
N GLN B 290 -21.07 6.85 11.45
CA GLN B 290 -20.26 6.19 10.42
C GLN B 290 -18.84 5.88 10.88
N ILE B 291 -18.16 6.89 11.43
CA ILE B 291 -16.81 6.71 11.99
C ILE B 291 -16.77 5.62 13.08
N ARG B 292 -17.88 5.40 13.77
CA ARG B 292 -17.96 4.28 14.73
C ARG B 292 -18.07 2.95 13.96
N GLU B 293 -18.87 2.95 12.89
CA GLU B 293 -19.06 1.74 12.08
C GLU B 293 -17.70 1.16 11.65
N MET B 294 -16.83 2.01 11.15
CA MET B 294 -15.54 1.56 10.63
C MET B 294 -14.49 1.35 11.75
N ASN B 295 -14.17 2.41 12.48
CA ASN B 295 -13.12 2.38 13.50
C ASN B 295 -13.75 1.77 14.73
N PRO B 296 -13.10 0.76 15.33
CA PRO B 296 -13.80 0.16 16.47
C PRO B 296 -13.39 0.72 17.86
N ASN B 297 -13.12 2.02 17.97
CA ASN B 297 -12.49 2.61 19.18
C ASN B 297 -13.24 3.74 19.85
N THR B 299 -15.44 5.99 19.49
CA THR B 299 -15.64 6.19 18.07
C THR B 299 -14.44 5.67 17.22
N GLU B 300 -13.31 6.36 17.10
CA GLU B 300 -12.91 7.52 17.91
C GLU B 300 -12.16 8.53 17.02
N PHE B 301 -11.36 9.41 17.64
CA PHE B 301 -10.36 10.23 16.94
C PHE B 301 -11.03 11.29 16.09
N PHE B 303 -8.75 12.24 13.07
CA PHE B 303 -7.92 13.46 12.92
C PHE B 303 -8.16 14.36 11.66
N PRO B 304 -8.87 13.88 10.63
CA PRO B 304 -9.24 14.76 9.49
C PRO B 304 -10.64 15.41 9.60
N GLN B 305 -10.93 16.41 8.76
CA GLN B 305 -12.31 16.92 8.60
C GLN B 305 -12.51 17.72 7.32
N ILE B 306 -13.57 17.44 6.54
CA ILE B 306 -14.00 18.30 5.38
C ILE B 306 -15.48 18.06 4.99
N LYS B 307 -16.04 18.86 4.09
CA LYS B 307 -17.45 18.62 3.68
C LYS B 307 -17.67 18.04 2.26
N ALA B 308 -18.88 17.52 2.02
CA ALA B 308 -19.20 16.60 0.90
C ALA B 308 -18.86 17.14 -0.47
N HIS B 309 -18.09 16.36 -1.24
CA HIS B 309 -17.71 16.79 -2.57
C HIS B 309 -18.87 16.57 -3.52
N PRO B 310 -19.08 17.59 -4.38
CA PRO B 310 -19.97 17.29 -5.47
C PRO B 310 -19.27 16.21 -6.25
N TRP B 311 -19.87 15.04 -6.21
CA TRP B 311 -19.49 13.94 -7.05
C TRP B 311 -19.31 14.26 -8.55
N THR B 312 -20.10 15.16 -9.13
CA THR B 312 -19.98 15.41 -10.60
C THR B 312 -18.74 16.26 -10.96
N LYS B 313 -18.21 17.01 -10.00
CA LYS B 313 -16.93 17.73 -10.15
C LYS B 313 -15.71 16.81 -10.26
N VAL B 314 -15.93 15.53 -10.02
CA VAL B 314 -14.84 14.58 -10.00
C VAL B 314 -14.43 14.18 -11.43
N PHE B 315 -15.39 13.89 -12.30
CA PHE B 315 -15.03 13.23 -13.55
C PHE B 315 -14.90 14.19 -14.69
N ARG B 316 -14.35 13.71 -15.80
CA ARG B 316 -14.35 14.47 -17.06
C ARG B 316 -15.81 14.95 -17.35
N PRO B 317 -15.95 16.06 -18.11
CA PRO B 317 -17.28 16.65 -18.25
C PRO B 317 -18.28 15.85 -19.07
N ARG B 318 -17.85 15.04 -20.01
CA ARG B 318 -18.87 14.29 -20.78
C ARG B 318 -19.15 12.87 -20.24
N THR B 319 -18.61 12.59 -19.07
CA THR B 319 -18.94 11.39 -18.33
C THR B 319 -20.43 11.24 -18.09
N PRO B 320 -20.99 10.07 -18.46
CA PRO B 320 -22.39 9.68 -18.23
C PRO B 320 -22.83 9.84 -16.79
N PRO B 321 -23.87 10.65 -16.56
CA PRO B 321 -24.41 10.83 -15.21
C PRO B 321 -24.77 9.52 -14.50
N GLU B 322 -25.23 8.52 -15.23
CA GLU B 322 -25.70 7.27 -14.58
C GLU B 322 -24.51 6.52 -13.99
N ALA B 323 -23.34 6.74 -14.57
CA ALA B 323 -22.08 6.15 -14.12
C ALA B 323 -21.62 6.71 -12.82
N ILE B 324 -21.79 8.01 -12.73
CA ILE B 324 -21.44 8.74 -11.55
C ILE B 324 -22.40 8.35 -10.43
N ALA B 325 -23.64 8.09 -10.76
CA ALA B 325 -24.59 7.71 -9.74
C ALA B 325 -24.19 6.38 -9.18
N LEU B 326 -23.83 5.49 -10.11
CA LEU B 326 -23.46 4.16 -9.75
C LEU B 326 -22.32 4.27 -8.76
N CYS B 327 -21.31 5.04 -9.11
CA CYS B 327 -20.19 5.19 -8.20
C CYS B 327 -20.66 5.55 -6.82
N SER B 328 -21.43 6.62 -6.68
CA SER B 328 -21.78 7.08 -5.35
C SER B 328 -22.54 6.05 -4.54
N ARG B 329 -23.24 5.15 -5.20
CA ARG B 329 -24.02 4.14 -4.50
C ARG B 329 -23.18 2.93 -4.11
N LEU B 330 -22.02 2.81 -4.74
CA LEU B 330 -21.07 1.76 -4.43
C LEU B 330 -20.12 2.25 -3.40
N LEU B 331 -19.67 3.50 -3.53
CA LEU B 331 -18.68 4.07 -2.59
C LEU B 331 -19.33 4.87 -1.47
N GLU B 332 -19.94 4.10 -0.56
CA GLU B 332 -20.64 4.63 0.59
C GLU B 332 -19.81 4.34 1.82
N TYR B 333 -19.81 5.25 2.79
CA TYR B 333 -19.10 4.99 4.03
C TYR B 333 -19.73 3.76 4.70
N THR B 334 -21.03 3.80 4.90
CA THR B 334 -21.69 2.71 5.59
C THR B 334 -21.81 1.47 4.72
N PRO B 335 -21.33 0.34 5.22
CA PRO B 335 -21.32 -0.84 4.38
C PRO B 335 -22.68 -1.30 3.90
N THR B 336 -23.68 -1.31 4.76
CA THR B 336 -25.04 -1.72 4.32
C THR B 336 -25.68 -0.72 3.36
N ALA B 337 -25.18 0.50 3.26
CA ALA B 337 -25.75 1.49 2.30
C ALA B 337 -25.37 1.19 0.82
N ARG B 338 -24.32 0.38 0.64
CA ARG B 338 -23.84 0.07 -0.66
C ARG B 338 -24.79 -0.93 -1.35
N LEU B 339 -24.91 -0.82 -2.66
CA LEU B 339 -25.64 -1.77 -3.47
C LEU B 339 -25.07 -3.13 -3.33
N THR B 340 -25.91 -4.13 -3.48
CA THR B 340 -25.39 -5.48 -3.56
C THR B 340 -24.91 -5.62 -5.00
N PRO B 341 -24.08 -6.63 -5.28
CA PRO B 341 -23.69 -6.87 -6.65
C PRO B 341 -24.88 -6.97 -7.57
N LEU B 342 -25.89 -7.67 -7.09
CA LEU B 342 -27.01 -7.93 -7.94
C LEU B 342 -27.75 -6.66 -8.27
N GLU B 343 -27.79 -5.71 -7.33
CA GLU B 343 -28.50 -4.45 -7.52
C GLU B 343 -27.75 -3.55 -8.49
N ALA B 344 -26.43 -3.67 -8.47
CA ALA B 344 -25.60 -2.89 -9.36
C ALA B 344 -25.80 -3.42 -10.78
N CYS B 345 -25.92 -4.72 -10.90
CA CYS B 345 -26.15 -5.31 -12.20
C CYS B 345 -27.42 -4.76 -12.83
N ALA B 346 -28.39 -4.41 -11.99
CA ALA B 346 -29.68 -3.90 -12.45
C ALA B 346 -29.72 -2.39 -12.56
N HIS B 347 -28.58 -1.72 -12.43
CA HIS B 347 -28.55 -0.25 -12.41
C HIS B 347 -28.67 0.40 -13.81
N SER B 348 -29.22 1.62 -13.85
CA SER B 348 -29.44 2.33 -15.14
C SER B 348 -28.26 2.33 -16.09
N PHE B 349 -27.09 2.60 -15.56
CA PHE B 349 -25.84 2.65 -16.30
C PHE B 349 -25.60 1.40 -17.10
N PHE B 350 -26.28 0.32 -16.76
CA PHE B 350 -26.20 -0.87 -17.62
C PHE B 350 -27.32 -1.09 -18.65
N ASP B 351 -28.31 -0.21 -18.67
CA ASP B 351 -29.44 -0.32 -19.62
C ASP B 351 -28.91 -0.64 -21.02
N GLU B 352 -27.94 0.09 -21.50
CA GLU B 352 -27.39 -0.21 -22.85
C GLU B 352 -27.06 -1.71 -23.11
N LEU B 353 -26.65 -2.45 -22.09
CA LEU B 353 -26.35 -3.90 -22.30
C LEU B 353 -27.63 -4.75 -22.48
N ARG B 354 -28.73 -4.22 -21.97
CA ARG B 354 -30.03 -4.87 -22.08
C ARG B 354 -30.71 -4.58 -23.44
N ASP B 355 -30.26 -3.53 -24.12
CA ASP B 355 -30.66 -3.29 -25.49
C ASP B 355 -30.46 -4.53 -26.38
N PRO B 356 -31.49 -4.88 -27.18
CA PRO B 356 -31.41 -6.06 -28.05
C PRO B 356 -30.43 -5.86 -29.24
N ASN B 357 -30.25 -4.60 -29.66
CA ASN B 357 -29.36 -4.24 -30.77
C ASN B 357 -27.91 -4.14 -30.42
N VAL B 358 -27.63 -3.94 -29.15
CA VAL B 358 -26.27 -3.80 -28.67
C VAL B 358 -25.34 -4.85 -29.26
N LYS B 359 -24.23 -4.38 -29.81
CA LYS B 359 -23.15 -5.28 -30.24
C LYS B 359 -21.82 -4.69 -29.77
N LEU B 360 -20.74 -5.45 -29.87
CA LEU B 360 -19.41 -4.94 -29.54
C LEU B 360 -18.98 -4.01 -30.64
N PRO B 361 -17.89 -3.29 -30.42
CA PRO B 361 -17.37 -2.38 -31.45
C PRO B 361 -16.99 -3.13 -32.70
N ASN B 362 -16.38 -4.28 -32.52
CA ASN B 362 -16.03 -5.14 -33.62
C ASN B 362 -17.25 -5.93 -34.19
N GLY B 363 -18.46 -5.48 -33.89
CA GLY B 363 -19.68 -6.10 -34.37
C GLY B 363 -19.89 -7.59 -34.15
N ARG B 364 -19.32 -8.20 -33.11
CA ARG B 364 -19.81 -9.51 -32.69
C ARG B 364 -20.86 -9.25 -31.64
N ASP B 365 -21.52 -10.31 -31.20
CA ASP B 365 -22.46 -10.09 -30.12
C ASP B 365 -21.70 -9.95 -28.84
N THR B 366 -22.39 -9.39 -27.87
CA THR B 366 -21.88 -9.33 -26.53
C THR B 366 -21.90 -10.74 -25.97
N PRO B 367 -21.21 -10.94 -24.87
CA PRO B 367 -21.27 -12.23 -24.22
C PRO B 367 -22.60 -12.42 -23.59
N ALA B 368 -22.83 -13.60 -23.05
CA ALA B 368 -24.13 -13.86 -22.41
C ALA B 368 -24.19 -13.11 -21.09
N LEU B 369 -25.20 -12.28 -20.89
CA LEU B 369 -25.27 -11.41 -19.75
C LEU B 369 -26.49 -11.64 -18.95
N PHE B 370 -27.26 -12.62 -19.41
CA PHE B 370 -28.65 -12.79 -18.97
C PHE B 370 -29.04 -14.19 -18.52
N ASN B 371 -28.21 -15.19 -18.77
CA ASN B 371 -28.49 -16.52 -18.34
C ASN B 371 -28.22 -16.65 -16.83
N PHE B 372 -28.89 -15.82 -16.06
CA PHE B 372 -28.81 -15.86 -14.61
C PHE B 372 -29.32 -17.21 -14.11
N THR B 373 -28.72 -17.71 -13.04
CA THR B 373 -29.15 -18.94 -12.36
C THR B 373 -29.96 -18.59 -11.10
N THR B 374 -30.53 -19.59 -10.47
CA THR B 374 -31.36 -19.33 -9.31
C THR B 374 -30.48 -18.97 -8.14
N GLN B 375 -29.35 -19.68 -8.10
CA GLN B 375 -28.25 -19.36 -7.20
C GLN B 375 -27.90 -17.88 -7.32
N GLU B 376 -27.51 -17.45 -8.51
CA GLU B 376 -27.15 -16.06 -8.76
C GLU B 376 -28.14 -15.00 -8.33
N LEU B 377 -29.42 -15.34 -8.28
CA LEU B 377 -30.44 -14.34 -7.93
C LEU B 377 -30.95 -14.49 -6.52
N SER B 378 -30.45 -15.52 -5.80
CA SER B 378 -31.00 -15.81 -4.48
C SER B 378 -30.97 -14.62 -3.52
N SER B 379 -30.01 -13.70 -3.66
CA SER B 379 -30.00 -12.53 -2.79
C SER B 379 -31.34 -11.85 -2.88
N ASN B 380 -31.89 -11.77 -4.09
CA ASN B 380 -33.14 -11.04 -4.34
C ASN B 380 -33.79 -11.42 -5.69
N PRO B 381 -34.64 -12.47 -5.72
CA PRO B 381 -35.15 -12.94 -7.03
C PRO B 381 -36.05 -11.99 -7.86
N PRO B 382 -36.90 -11.21 -7.21
CA PRO B 382 -37.63 -10.17 -7.96
C PRO B 382 -36.79 -9.25 -8.86
N LEU B 383 -35.48 -9.32 -8.74
CA LEU B 383 -34.66 -8.48 -9.60
C LEU B 383 -34.54 -9.01 -11.01
N ALA B 384 -34.75 -10.30 -11.21
CA ALA B 384 -34.72 -10.88 -12.57
C ALA B 384 -35.65 -10.12 -13.56
N THR B 385 -36.69 -9.57 -12.98
CA THR B 385 -37.64 -8.66 -13.60
C THR B 385 -37.02 -7.57 -14.43
N ILE B 386 -35.95 -6.97 -13.92
CA ILE B 386 -35.19 -5.95 -14.63
C ILE B 386 -33.97 -6.52 -15.28
N LEU B 387 -33.35 -7.47 -14.62
CA LEU B 387 -32.08 -7.99 -15.09
C LEU B 387 -32.21 -8.67 -16.43
N ILE B 388 -33.33 -9.37 -16.62
CA ILE B 388 -33.58 -10.16 -17.82
C ILE B 388 -34.52 -9.44 -18.76
N PRO B 389 -33.97 -8.97 -19.88
CA PRO B 389 -34.77 -8.12 -20.70
C PRO B 389 -35.82 -8.91 -21.51
N PRO B 390 -36.87 -8.22 -21.96
CA PRO B 390 -37.91 -8.84 -22.73
C PRO B 390 -37.32 -9.65 -23.81
N HIS B 391 -36.44 -9.05 -24.61
CA HIS B 391 -35.89 -9.81 -25.71
C HIS B 391 -35.24 -11.13 -25.29
N ALA B 392 -34.59 -11.20 -24.14
CA ALA B 392 -33.89 -12.45 -23.74
C ALA B 392 -34.79 -13.57 -23.28
N ARG B 393 -36.07 -13.30 -23.12
CA ARG B 393 -36.99 -14.32 -22.64
C ARG B 393 -37.54 -15.15 -23.81
N ILE B 394 -38.02 -14.46 -24.83
CA ILE B 394 -38.57 -15.03 -26.08
C ILE B 394 -38.11 -16.47 -26.32
C1 MLI C . -4.93 9.38 16.62
C2 MLI C . -5.00 10.51 17.62
C3 MLI C . -3.55 8.83 16.53
O6 MLI C . -6.06 11.14 17.72
O7 MLI C . -4.03 10.77 18.34
O8 MLI C . -2.69 9.57 16.08
O9 MLI C . -3.31 7.68 16.92
C1 MLI D . -8.24 -15.33 8.82
C2 MLI D . -8.57 -14.67 7.54
C3 MLI D . -8.53 -16.79 8.72
O6 MLI D . -7.97 -15.05 6.54
O7 MLI D . -9.42 -13.78 7.50
O8 MLI D . -9.69 -17.17 8.49
O9 MLI D . -7.59 -17.57 8.87
#